data_7ETC
#
_entry.id   7ETC
#
_cell.length_a   147.361
_cell.length_b   90.311
_cell.length_c   86.395
_cell.angle_alpha   90.000
_cell.angle_beta   122.200
_cell.angle_gamma   90.000
#
_symmetry.space_group_name_H-M   'C 1 2 1'
#
loop_
_entity.id
_entity.type
_entity.pdbx_description
1 polymer '4-hydroxy-2-oxoheptanedioate aldolase'
2 non-polymer 'ZINC ION'
3 non-polymer '(4R,5R)-4,5,6-tris(oxidanyl)-2-oxidanylidene-hexanoic acid'
4 non-polymer 'CALCIUM ION'
5 non-polymer 'PYRUVIC ACID'
6 water water
#
_entity_poly.entity_id   1
_entity_poly.type   'polypeptide(L)'
_entity_poly.pdbx_seq_one_letter_code
;MVNTVNYFKQKLKTEQQIGMWVGLADGYCAEIAANVGYDWLLIDGEHAPNDVRSILAQLQSIAAYPSQAVVRPVSGDVPL
IKQLLDIGAQTLLIPMVESAEQAELMVKATRYPPEGIRGVGAALARASRWNNISDYLQTADEQICLLVQVESKKGLDNLD
EILNVDGVDGIFIGPADLSAALGYRGNPGHEFVQNIIVQTIQKIRAAGKAAGILSADEKLAKQYLELGTEFVAVGVDTSL
LMKSMKQLLSKFKNVDGPVSTSPSVY
;
_entity_poly.pdbx_strand_id   A,B,C
#
# COMPACT_ATOMS: atom_id res chain seq x y z
N MET A 1 -24.81 -11.57 -18.61
CA MET A 1 -23.43 -12.16 -18.59
C MET A 1 -23.32 -13.09 -17.37
N VAL A 2 -22.72 -14.28 -17.57
CA VAL A 2 -22.37 -15.23 -16.46
C VAL A 2 -20.94 -14.89 -15.98
N ASN A 3 -20.63 -15.19 -14.70
CA ASN A 3 -19.29 -14.95 -14.11
C ASN A 3 -18.25 -15.65 -15.01
N THR A 4 -17.09 -15.00 -15.21
CA THR A 4 -15.92 -15.53 -15.97
C THR A 4 -15.47 -16.87 -15.35
N VAL A 5 -15.48 -17.96 -16.12
CA VAL A 5 -15.14 -19.29 -15.56
C VAL A 5 -13.63 -19.29 -15.30
N ASN A 6 -13.22 -19.74 -14.12
CA ASN A 6 -11.79 -19.88 -13.78
C ASN A 6 -11.31 -21.24 -14.32
N TYR A 7 -10.85 -21.26 -15.56
CA TYR A 7 -10.35 -22.48 -16.24
C TYR A 7 -9.05 -22.94 -15.56
N PHE A 8 -8.23 -22.02 -15.04
CA PHE A 8 -6.99 -22.36 -14.29
C PHE A 8 -7.39 -23.27 -13.14
N LYS A 9 -8.40 -22.86 -12.37
CA LYS A 9 -8.86 -23.60 -11.18
C LYS A 9 -9.31 -25.01 -11.61
N GLN A 10 -10.08 -25.12 -12.69
CA GLN A 10 -10.64 -26.42 -13.16
C GLN A 10 -9.49 -27.34 -13.57
N LYS A 11 -8.52 -26.78 -14.29
CA LYS A 11 -7.39 -27.53 -14.89
C LYS A 11 -6.41 -28.03 -13.82
N LEU A 12 -6.45 -27.49 -12.60
CA LEU A 12 -5.63 -28.03 -11.47
C LEU A 12 -5.89 -29.53 -11.28
N LYS A 13 -7.09 -30.01 -11.61
CA LYS A 13 -7.50 -31.43 -11.44
C LYS A 13 -7.45 -32.20 -12.77
N THR A 14 -7.26 -31.56 -13.93
CA THR A 14 -7.38 -32.25 -15.24
C THR A 14 -6.09 -32.22 -16.05
N GLU A 15 -5.15 -31.29 -15.82
CA GLU A 15 -3.93 -31.26 -16.64
C GLU A 15 -2.82 -30.54 -15.89
N GLN A 16 -1.68 -30.41 -16.55
CA GLN A 16 -0.48 -29.73 -16.05
C GLN A 16 -0.36 -28.44 -16.85
N GLN A 17 -0.41 -27.29 -16.16
CA GLN A 17 -0.54 -25.97 -16.82
C GLN A 17 0.84 -25.30 -16.87
N ILE A 18 1.26 -24.86 -18.05
CA ILE A 18 2.59 -24.22 -18.26
C ILE A 18 2.45 -22.71 -18.10
N GLY A 19 3.33 -22.13 -17.28
CA GLY A 19 3.19 -20.76 -16.77
C GLY A 19 4.36 -19.89 -17.17
N MET A 20 4.12 -18.59 -17.26
CA MET A 20 5.15 -17.56 -17.54
C MET A 20 5.01 -16.48 -16.47
N TRP A 21 6.13 -16.14 -15.83
CA TRP A 21 6.18 -15.01 -14.86
C TRP A 21 6.12 -13.68 -15.62
N VAL A 22 5.29 -12.76 -15.16
CA VAL A 22 5.10 -11.43 -15.82
C VAL A 22 5.52 -10.37 -14.82
N GLY A 23 6.75 -9.86 -14.97
CA GLY A 23 7.34 -8.87 -14.06
C GLY A 23 7.75 -7.61 -14.79
N LEU A 24 7.25 -7.38 -16.01
CA LEU A 24 7.55 -6.13 -16.76
C LEU A 24 6.58 -5.02 -16.37
N ALA A 25 5.52 -5.34 -15.59
CA ALA A 25 4.75 -4.36 -14.78
C ALA A 25 4.04 -3.37 -15.69
N ASP A 26 3.49 -3.85 -16.79
CA ASP A 26 3.13 -2.98 -17.93
C ASP A 26 1.99 -3.63 -18.72
N GLY A 27 0.90 -2.90 -18.99
CA GLY A 27 -0.21 -3.39 -19.81
C GLY A 27 0.26 -3.89 -21.16
N TYR A 28 1.22 -3.19 -21.79
CA TYR A 28 1.66 -3.47 -23.18
C TYR A 28 2.49 -4.75 -23.22
N CYS A 29 3.46 -4.86 -22.31
CA CYS A 29 4.30 -6.09 -22.11
C CYS A 29 3.44 -7.30 -21.72
N ALA A 30 2.42 -7.10 -20.89
CA ALA A 30 1.51 -8.19 -20.46
C ALA A 30 0.81 -8.76 -21.69
N GLU A 31 0.38 -7.88 -22.60
CA GLU A 31 -0.30 -8.31 -23.84
C GLU A 31 0.66 -9.12 -24.73
N ILE A 32 1.93 -8.74 -24.87
CA ILE A 32 2.87 -9.53 -25.69
C ILE A 32 2.93 -10.94 -25.08
N ALA A 33 3.07 -11.04 -23.77
CA ALA A 33 3.13 -12.36 -23.09
C ALA A 33 1.82 -13.12 -23.37
N ALA A 34 0.67 -12.45 -23.38
CA ALA A 34 -0.66 -13.08 -23.53
C ALA A 34 -0.81 -13.74 -24.90
N ASN A 35 -0.07 -13.28 -25.91
CA ASN A 35 -0.17 -13.78 -27.32
C ASN A 35 0.55 -15.12 -27.52
N VAL A 36 1.39 -15.55 -26.59
CA VAL A 36 2.33 -16.69 -26.79
C VAL A 36 1.57 -18.02 -26.67
N GLY A 37 0.68 -18.18 -25.68
CA GLY A 37 -0.12 -19.40 -25.50
C GLY A 37 0.20 -20.12 -24.19
N TYR A 38 0.78 -19.42 -23.21
CA TYR A 38 0.95 -19.99 -21.85
C TYR A 38 -0.42 -20.30 -21.28
N ASP A 39 -0.49 -21.38 -20.49
CA ASP A 39 -1.73 -21.80 -19.79
C ASP A 39 -2.06 -20.72 -18.76
N TRP A 40 -1.04 -20.14 -18.13
CA TRP A 40 -1.22 -19.14 -17.06
C TRP A 40 -0.07 -18.14 -17.06
N LEU A 41 -0.40 -16.91 -16.68
CA LEU A 41 0.53 -15.77 -16.58
C LEU A 41 0.48 -15.30 -15.14
N LEU A 42 1.63 -15.24 -14.47
CA LEU A 42 1.74 -14.78 -13.06
C LEU A 42 2.09 -13.28 -13.08
N ILE A 43 1.13 -12.44 -12.74
CA ILE A 43 1.37 -10.98 -12.65
C ILE A 43 1.94 -10.75 -11.25
N ASP A 44 3.20 -10.35 -11.18
CA ASP A 44 3.97 -10.39 -9.92
C ASP A 44 3.86 -9.06 -9.17
N GLY A 45 3.02 -9.02 -8.13
CA GLY A 45 2.84 -7.85 -7.26
C GLY A 45 3.80 -7.87 -6.09
N GLU A 46 4.67 -8.87 -5.99
CA GLU A 46 5.61 -9.02 -4.84
C GLU A 46 7.02 -8.59 -5.24
N HIS A 47 7.50 -8.97 -6.41
CA HIS A 47 8.92 -8.76 -6.82
C HIS A 47 9.04 -7.97 -8.13
N ALA A 48 7.92 -7.51 -8.71
CA ALA A 48 7.93 -6.52 -9.81
C ALA A 48 7.25 -5.24 -9.34
N PRO A 49 7.58 -4.06 -9.91
CA PRO A 49 7.07 -2.79 -9.40
C PRO A 49 5.61 -2.50 -9.82
N ASN A 50 4.67 -3.20 -9.20
CA ASN A 50 3.24 -3.17 -9.58
C ASN A 50 2.44 -2.64 -8.39
N ASP A 51 1.29 -2.07 -8.70
CA ASP A 51 0.31 -1.68 -7.66
C ASP A 51 -1.04 -2.09 -8.24
N VAL A 52 -2.11 -1.84 -7.51
CA VAL A 52 -3.47 -2.28 -7.94
C VAL A 52 -3.73 -1.74 -9.35
N ARG A 53 -3.41 -0.49 -9.61
CA ARG A 53 -3.75 0.14 -10.92
C ARG A 53 -2.94 -0.52 -12.06
N SER A 54 -1.64 -0.82 -11.88
CA SER A 54 -0.84 -1.44 -12.95
C SER A 54 -1.30 -2.89 -13.13
N ILE A 55 -1.69 -3.57 -12.05
CA ILE A 55 -2.19 -4.96 -12.16
C ILE A 55 -3.51 -4.94 -12.94
N LEU A 56 -4.37 -3.94 -12.71
CA LEU A 56 -5.65 -3.78 -13.45
C LEU A 56 -5.38 -3.67 -14.95
N ALA A 57 -4.47 -2.78 -15.33
CA ALA A 57 -4.09 -2.57 -16.75
C ALA A 57 -3.67 -3.92 -17.38
N GLN A 58 -2.91 -4.74 -16.65
CA GLN A 58 -2.38 -6.02 -17.17
C GLN A 58 -3.52 -7.03 -17.27
N LEU A 59 -4.43 -7.07 -16.29
CA LEU A 59 -5.66 -7.93 -16.38
C LEU A 59 -6.46 -7.55 -17.64
N GLN A 60 -6.57 -6.26 -17.93
CA GLN A 60 -7.38 -5.77 -19.06
C GLN A 60 -6.72 -6.21 -20.37
N SER A 61 -5.40 -6.11 -20.48
CA SER A 61 -4.59 -6.57 -21.64
C SER A 61 -4.83 -8.05 -21.90
N ILE A 62 -4.63 -8.85 -20.86
CA ILE A 62 -4.60 -10.35 -20.91
C ILE A 62 -6.01 -10.89 -21.16
N ALA A 63 -7.06 -10.18 -20.74
CA ALA A 63 -8.46 -10.66 -20.73
C ALA A 63 -8.93 -11.07 -22.13
N ALA A 64 -8.38 -10.50 -23.20
CA ALA A 64 -8.82 -10.79 -24.59
C ALA A 64 -8.24 -12.12 -25.09
N TYR A 65 -7.39 -12.78 -24.30
CA TYR A 65 -6.59 -13.98 -24.70
C TYR A 65 -6.92 -15.14 -23.77
N PRO A 66 -6.73 -16.40 -24.21
CA PRO A 66 -7.02 -17.56 -23.37
C PRO A 66 -6.11 -17.77 -22.14
N SER A 67 -4.89 -17.23 -22.12
CA SER A 67 -3.99 -17.36 -20.93
C SER A 67 -4.75 -16.90 -19.68
N GLN A 68 -4.72 -17.71 -18.61
CA GLN A 68 -5.37 -17.41 -17.33
C GLN A 68 -4.43 -16.56 -16.47
N ALA A 69 -4.94 -15.47 -15.88
CA ALA A 69 -4.16 -14.58 -14.98
C ALA A 69 -4.19 -15.12 -13.56
N VAL A 70 -3.01 -15.15 -12.96
CA VAL A 70 -2.77 -15.39 -11.51
C VAL A 70 -2.02 -14.16 -11.01
N VAL A 71 -2.44 -13.62 -9.88
CA VAL A 71 -1.83 -12.38 -9.32
C VAL A 71 -1.16 -12.72 -8.00
N ARG A 72 0.11 -12.34 -7.85
CA ARG A 72 0.82 -12.48 -6.55
C ARG A 72 0.82 -11.15 -5.81
N PRO A 73 0.05 -10.97 -4.73
CA PRO A 73 0.20 -9.78 -3.90
C PRO A 73 1.56 -9.75 -3.16
N VAL A 74 1.97 -8.57 -2.69
CA VAL A 74 3.28 -8.36 -2.02
C VAL A 74 3.33 -9.17 -0.73
N SER A 75 2.18 -9.43 -0.12
CA SER A 75 2.04 -10.22 1.12
C SER A 75 0.58 -10.67 1.28
N GLY A 76 0.32 -11.47 2.30
CA GLY A 76 -1.03 -11.97 2.62
C GLY A 76 -1.81 -10.92 3.37
N ASP A 77 -2.01 -9.76 2.75
CA ASP A 77 -2.66 -8.59 3.37
C ASP A 77 -4.14 -8.67 3.00
N VAL A 78 -5.03 -8.82 3.99
CA VAL A 78 -6.49 -9.02 3.72
C VAL A 78 -7.03 -7.86 2.88
N PRO A 79 -6.81 -6.57 3.24
CA PRO A 79 -7.35 -5.46 2.45
C PRO A 79 -6.83 -5.40 1.00
N LEU A 80 -5.55 -5.73 0.77
CA LEU A 80 -4.95 -5.79 -0.60
C LEU A 80 -5.61 -6.95 -1.38
N ILE A 81 -5.86 -8.06 -0.70
CA ILE A 81 -6.52 -9.23 -1.35
C ILE A 81 -7.91 -8.79 -1.82
N LYS A 82 -8.64 -8.07 -0.97
CA LYS A 82 -9.97 -7.50 -1.31
C LYS A 82 -9.82 -6.66 -2.58
N GLN A 83 -8.80 -5.80 -2.67
CA GLN A 83 -8.64 -4.87 -3.81
C GLN A 83 -8.39 -5.67 -5.09
N LEU A 84 -7.52 -6.67 -5.05
CA LEU A 84 -7.14 -7.46 -6.24
C LEU A 84 -8.32 -8.31 -6.70
N LEU A 85 -9.12 -8.86 -5.79
CA LEU A 85 -10.33 -9.61 -6.20
C LEU A 85 -11.33 -8.67 -6.90
N ASP A 86 -11.49 -7.44 -6.43
CA ASP A 86 -12.54 -6.54 -6.99
C ASP A 86 -12.15 -6.06 -8.39
N ILE A 87 -10.85 -5.89 -8.70
CA ILE A 87 -10.38 -5.52 -10.06
C ILE A 87 -10.48 -6.75 -10.99
N GLY A 88 -10.70 -7.93 -10.43
CA GLY A 88 -11.17 -9.10 -11.19
C GLY A 88 -10.16 -10.22 -11.30
N ALA A 89 -9.09 -10.19 -10.50
CA ALA A 89 -8.12 -11.30 -10.34
C ALA A 89 -8.86 -12.49 -9.71
N GLN A 90 -8.94 -13.61 -10.40
CA GLN A 90 -9.74 -14.77 -9.91
C GLN A 90 -8.84 -15.80 -9.26
N THR A 91 -7.52 -15.72 -9.46
CA THR A 91 -6.53 -16.66 -8.88
C THR A 91 -5.43 -15.83 -8.21
N LEU A 92 -5.21 -16.06 -6.91
CA LEU A 92 -4.15 -15.38 -6.14
C LEU A 92 -3.10 -16.40 -5.67
N LEU A 93 -1.83 -15.99 -5.72
CA LEU A 93 -0.69 -16.74 -5.16
C LEU A 93 -0.17 -15.95 -3.96
N ILE A 94 -0.39 -16.45 -2.75
CA ILE A 94 0.02 -15.70 -1.52
C ILE A 94 1.44 -16.08 -1.16
N PRO A 95 2.40 -15.12 -1.07
CA PRO A 95 3.76 -15.45 -0.66
C PRO A 95 3.88 -15.81 0.82
N MET A 96 4.91 -16.60 1.13
CA MET A 96 5.47 -16.80 2.49
C MET A 96 4.33 -17.16 3.44
N VAL A 97 3.53 -18.17 3.11
CA VAL A 97 2.49 -18.68 4.04
C VAL A 97 3.17 -19.71 4.95
N GLU A 98 2.98 -19.62 6.27
CA GLU A 98 3.81 -20.36 7.26
C GLU A 98 3.01 -21.05 8.35
N SER A 99 1.68 -21.05 8.30
CA SER A 99 0.84 -21.78 9.28
C SER A 99 -0.53 -22.09 8.68
N ALA A 100 -1.21 -23.09 9.25
CA ALA A 100 -2.63 -23.41 8.98
C ALA A 100 -3.48 -22.17 9.29
N GLU A 101 -3.15 -21.44 10.37
CA GLU A 101 -3.95 -20.28 10.82
C GLU A 101 -3.86 -19.20 9.72
N GLN A 102 -2.67 -18.94 9.19
CA GLN A 102 -2.50 -17.94 8.11
C GLN A 102 -3.22 -18.41 6.84
N ALA A 103 -3.12 -19.68 6.49
CA ALA A 103 -3.77 -20.25 5.28
C ALA A 103 -5.29 -20.12 5.42
N GLU A 104 -5.85 -20.40 6.60
CA GLU A 104 -7.31 -20.24 6.87
C GLU A 104 -7.75 -18.79 6.68
N LEU A 105 -6.97 -17.83 7.16
CA LEU A 105 -7.29 -16.39 7.05
C LEU A 105 -7.29 -16.01 5.56
N MET A 106 -6.34 -16.52 4.78
CA MET A 106 -6.26 -16.30 3.31
C MET A 106 -7.50 -16.89 2.64
N VAL A 107 -8.00 -18.04 3.09
CA VAL A 107 -9.23 -18.64 2.50
C VAL A 107 -10.39 -17.67 2.74
N LYS A 108 -10.54 -17.21 3.98
CA LYS A 108 -11.63 -16.30 4.39
C LYS A 108 -11.51 -14.99 3.62
N ALA A 109 -10.29 -14.46 3.47
CA ALA A 109 -10.01 -13.20 2.74
C ALA A 109 -10.56 -13.29 1.32
N THR A 110 -10.75 -14.49 0.76
CA THR A 110 -11.15 -14.68 -0.66
C THR A 110 -12.66 -14.97 -0.80
N ARG A 111 -13.40 -15.06 0.31
CA ARG A 111 -14.82 -15.47 0.27
C ARG A 111 -15.68 -14.41 0.96
N TYR A 112 -16.85 -14.16 0.42
CA TYR A 112 -17.81 -13.19 0.99
C TYR A 112 -18.32 -13.63 2.34
N PRO A 113 -18.71 -12.68 3.22
CA PRO A 113 -19.43 -13.02 4.43
C PRO A 113 -20.76 -13.63 4.00
N PRO A 114 -21.42 -14.44 4.84
CA PRO A 114 -20.99 -14.66 6.22
C PRO A 114 -19.83 -15.65 6.42
N GLU A 115 -19.49 -16.48 5.44
CA GLU A 115 -18.47 -17.56 5.58
C GLU A 115 -17.06 -16.95 5.56
N GLY A 116 -16.85 -15.86 4.79
CA GLY A 116 -15.52 -15.23 4.66
C GLY A 116 -15.51 -13.79 5.11
N ILE A 117 -14.43 -13.06 4.82
CA ILE A 117 -14.29 -11.65 5.26
C ILE A 117 -13.98 -10.75 4.04
N ARG A 118 -14.17 -11.26 2.82
CA ARG A 118 -14.00 -10.41 1.60
C ARG A 118 -15.00 -9.24 1.67
N GLY A 119 -14.47 -8.01 1.61
CA GLY A 119 -15.31 -6.81 1.57
C GLY A 119 -16.24 -6.82 0.38
N VAL A 120 -17.48 -6.37 0.57
CA VAL A 120 -18.56 -6.44 -0.46
C VAL A 120 -18.67 -5.08 -1.14
N GLY A 121 -18.44 -5.02 -2.45
CA GLY A 121 -18.58 -3.78 -3.23
C GLY A 121 -18.72 -4.06 -4.71
N ALA A 122 -19.69 -4.91 -5.06
CA ALA A 122 -19.92 -5.45 -6.41
C ALA A 122 -20.29 -4.33 -7.39
N ALA A 123 -21.00 -3.30 -6.94
CA ALA A 123 -21.43 -2.17 -7.80
C ALA A 123 -20.21 -1.48 -8.42
N LEU A 124 -19.05 -1.50 -7.75
CA LEU A 124 -17.81 -0.78 -8.19
C LEU A 124 -16.78 -1.69 -8.89
N ALA A 125 -16.99 -3.02 -8.90
CA ALA A 125 -15.93 -4.00 -9.19
C ALA A 125 -15.94 -4.36 -10.68
N ARG A 126 -14.77 -4.29 -11.32
CA ARG A 126 -14.56 -4.99 -12.60
C ARG A 126 -14.93 -6.47 -12.39
N ALA A 127 -14.75 -7.02 -11.19
CA ALA A 127 -15.00 -8.45 -10.91
C ALA A 127 -16.45 -8.83 -11.29
N SER A 128 -17.39 -7.97 -10.92
CA SER A 128 -18.84 -8.17 -11.19
C SER A 128 -19.18 -7.57 -12.55
N ARG A 129 -18.18 -7.02 -13.25
CA ARG A 129 -18.41 -6.12 -14.41
C ARG A 129 -19.46 -5.07 -13.99
N TRP A 130 -19.31 -4.50 -12.79
CA TRP A 130 -20.17 -3.39 -12.30
C TRP A 130 -21.64 -3.84 -12.31
N ASN A 131 -21.84 -5.09 -11.85
CA ASN A 131 -23.15 -5.78 -11.68
C ASN A 131 -23.77 -6.14 -13.04
N ASN A 132 -22.99 -6.08 -14.12
CA ASN A 132 -23.44 -6.62 -15.42
C ASN A 132 -23.41 -8.14 -15.36
N ILE A 133 -22.62 -8.72 -14.45
CA ILE A 133 -22.79 -10.13 -13.96
C ILE A 133 -23.83 -10.11 -12.83
N SER A 134 -25.11 -10.33 -13.16
CA SER A 134 -26.26 -10.01 -12.27
C SER A 134 -26.24 -10.85 -10.98
N ASP A 135 -25.72 -12.08 -11.01
CA ASP A 135 -25.76 -13.00 -9.83
C ASP A 135 -24.35 -13.14 -9.23
N TYR A 136 -23.47 -12.16 -9.46
CA TYR A 136 -22.03 -12.24 -9.08
C TYR A 136 -21.92 -12.58 -7.59
N LEU A 137 -22.68 -11.91 -6.72
CA LEU A 137 -22.54 -12.09 -5.25
C LEU A 137 -22.87 -13.54 -4.87
N GLN A 138 -23.58 -14.28 -5.73
CA GLN A 138 -23.91 -15.71 -5.48
C GLN A 138 -22.88 -16.65 -6.15
N THR A 139 -22.27 -16.26 -7.28
CA THR A 139 -21.43 -17.16 -8.12
C THR A 139 -19.93 -16.86 -7.97
N ALA A 140 -19.55 -15.81 -7.22
CA ALA A 140 -18.16 -15.33 -7.14
C ALA A 140 -17.27 -16.40 -6.51
N ASP A 141 -17.64 -16.86 -5.31
CA ASP A 141 -16.76 -17.71 -4.47
C ASP A 141 -16.31 -18.90 -5.33
N GLU A 142 -17.19 -19.47 -6.15
CA GLU A 142 -16.93 -20.73 -6.89
C GLU A 142 -15.77 -20.58 -7.88
N GLN A 143 -15.56 -19.39 -8.46
CA GLN A 143 -14.58 -19.19 -9.56
C GLN A 143 -13.30 -18.55 -9.02
N ILE A 144 -13.15 -18.45 -7.70
CA ILE A 144 -11.93 -17.90 -7.04
C ILE A 144 -11.03 -19.10 -6.70
N CYS A 145 -9.75 -18.97 -6.98
CA CYS A 145 -8.74 -20.02 -6.74
C CYS A 145 -7.66 -19.46 -5.81
N LEU A 146 -7.44 -20.11 -4.66
CA LEU A 146 -6.41 -19.68 -3.69
C LEU A 146 -5.18 -20.60 -3.75
N LEU A 147 -4.03 -20.02 -4.06
CA LEU A 147 -2.71 -20.72 -3.99
C LEU A 147 -1.87 -20.07 -2.89
N VAL A 148 -1.13 -20.87 -2.15
CA VAL A 148 -0.24 -20.34 -1.08
C VAL A 148 1.17 -20.84 -1.33
N GLN A 149 2.16 -20.02 -1.00
CA GLN A 149 3.57 -20.37 -1.19
C GLN A 149 4.11 -20.95 0.11
N VAL A 150 4.75 -22.12 0.00
CA VAL A 150 5.64 -22.65 1.06
C VAL A 150 7.09 -22.47 0.60
N GLU A 151 7.82 -21.59 1.28
CA GLU A 151 9.14 -21.11 0.79
C GLU A 151 10.01 -20.65 1.97
N SER A 152 9.79 -21.24 3.15
CA SER A 152 10.55 -20.96 4.38
C SER A 152 10.60 -22.23 5.24
N LYS A 153 11.51 -22.29 6.20
CA LYS A 153 11.57 -23.43 7.15
C LYS A 153 10.25 -23.53 7.89
N LYS A 154 9.73 -22.42 8.42
CA LYS A 154 8.46 -22.49 9.20
C LYS A 154 7.33 -23.00 8.29
N GLY A 155 7.29 -22.60 7.01
CA GLY A 155 6.32 -23.17 6.05
C GLY A 155 6.44 -24.69 6.00
N LEU A 156 7.65 -25.21 5.80
CA LEU A 156 7.92 -26.67 5.78
C LEU A 156 7.56 -27.27 7.14
N ASP A 157 7.71 -26.51 8.22
CA ASP A 157 7.45 -27.01 9.60
C ASP A 157 5.93 -27.13 9.81
N ASN A 158 5.14 -26.57 8.89
CA ASN A 158 3.67 -26.46 9.04
C ASN A 158 3.00 -27.00 7.77
N LEU A 159 3.75 -27.74 6.93
CA LEU A 159 3.28 -28.24 5.61
C LEU A 159 2.03 -29.10 5.78
N ASP A 160 2.06 -30.10 6.69
CA ASP A 160 0.92 -31.06 6.86
C ASP A 160 -0.33 -30.28 7.30
N GLU A 161 -0.15 -29.29 8.17
CA GLU A 161 -1.24 -28.45 8.72
C GLU A 161 -1.77 -27.55 7.59
N ILE A 162 -0.91 -26.92 6.81
CA ILE A 162 -1.37 -26.12 5.64
C ILE A 162 -2.15 -27.04 4.67
N LEU A 163 -1.66 -28.24 4.39
CA LEU A 163 -2.26 -29.17 3.39
C LEU A 163 -3.61 -29.70 3.87
N ASN A 164 -3.92 -29.53 5.15
CA ASN A 164 -5.24 -29.95 5.69
C ASN A 164 -6.23 -28.77 5.64
N VAL A 165 -5.85 -27.60 5.12
CA VAL A 165 -6.77 -26.43 5.12
C VAL A 165 -7.70 -26.52 3.91
N ASP A 166 -9.00 -26.66 4.16
CA ASP A 166 -10.05 -26.62 3.11
C ASP A 166 -10.08 -25.19 2.56
N GLY A 167 -9.97 -25.07 1.23
CA GLY A 167 -10.00 -23.77 0.57
C GLY A 167 -8.65 -23.42 -0.02
N VAL A 168 -7.59 -24.12 0.37
CA VAL A 168 -6.25 -23.98 -0.28
C VAL A 168 -6.28 -24.92 -1.49
N ASP A 169 -6.27 -24.36 -2.70
CA ASP A 169 -6.42 -25.16 -3.96
C ASP A 169 -5.05 -25.70 -4.38
N GLY A 170 -3.97 -24.96 -4.08
CA GLY A 170 -2.62 -25.37 -4.49
C GLY A 170 -1.58 -24.83 -3.54
N ILE A 171 -0.48 -25.55 -3.44
CA ILE A 171 0.73 -25.07 -2.76
C ILE A 171 1.83 -24.95 -3.80
N PHE A 172 2.43 -23.77 -3.85
CA PHE A 172 3.50 -23.43 -4.80
C PHE A 172 4.79 -23.33 -4.01
N ILE A 173 5.83 -23.99 -4.48
CA ILE A 173 7.18 -23.96 -3.84
C ILE A 173 7.97 -22.84 -4.51
N GLY A 174 8.52 -21.91 -3.73
CA GLY A 174 9.40 -20.83 -4.23
C GLY A 174 10.86 -21.23 -4.03
N PRO A 175 11.58 -21.74 -5.06
CA PRO A 175 12.96 -22.19 -4.84
C PRO A 175 13.96 -21.09 -4.44
N ALA A 176 13.77 -19.85 -4.90
CA ALA A 176 14.67 -18.74 -4.51
C ALA A 176 14.56 -18.52 -3.00
N ASP A 177 13.36 -18.27 -2.49
CA ASP A 177 13.16 -17.99 -1.04
C ASP A 177 13.52 -19.27 -0.26
N LEU A 178 13.16 -20.46 -0.76
CA LEU A 178 13.35 -21.71 0.04
C LEU A 178 14.85 -22.01 0.17
N SER A 179 15.61 -21.89 -0.92
CA SER A 179 17.07 -22.18 -0.95
C SER A 179 17.80 -21.19 -0.03
N ALA A 180 17.39 -19.91 0.00
CA ALA A 180 17.96 -18.90 0.92
C ALA A 180 17.65 -19.32 2.36
N ALA A 181 16.40 -19.67 2.66
CA ALA A 181 15.97 -20.04 4.03
C ALA A 181 16.83 -21.20 4.53
N LEU A 182 17.14 -22.13 3.63
CA LEU A 182 17.91 -23.36 3.94
C LEU A 182 19.43 -23.09 4.01
N GLY A 183 19.88 -21.86 3.78
CA GLY A 183 21.30 -21.48 3.85
C GLY A 183 22.03 -21.78 2.54
N TYR A 184 21.28 -21.97 1.44
CA TYR A 184 21.84 -22.19 0.07
C TYR A 184 21.35 -21.09 -0.87
N ARG A 185 21.47 -19.84 -0.43
CA ARG A 185 21.02 -18.65 -1.19
C ARG A 185 21.72 -18.60 -2.55
N GLY A 186 20.93 -18.46 -3.62
CA GLY A 186 21.42 -18.43 -5.00
C GLY A 186 21.75 -19.82 -5.57
N ASN A 187 21.58 -20.90 -4.79
CA ASN A 187 21.99 -22.26 -5.23
C ASN A 187 20.86 -23.26 -4.96
N PRO A 188 19.65 -23.03 -5.51
CA PRO A 188 18.55 -23.97 -5.37
C PRO A 188 18.80 -25.35 -6.02
N GLY A 189 19.74 -25.42 -6.96
CA GLY A 189 20.15 -26.64 -7.70
C GLY A 189 20.78 -27.70 -6.79
N HIS A 190 21.31 -27.33 -5.62
CA HIS A 190 21.94 -28.26 -4.65
C HIS A 190 20.96 -29.37 -4.24
N GLU A 191 21.46 -30.62 -4.25
CA GLU A 191 20.78 -31.86 -3.86
C GLU A 191 20.02 -31.69 -2.54
N PHE A 192 20.63 -31.06 -1.53
CA PHE A 192 19.96 -30.82 -0.21
C PHE A 192 18.60 -30.16 -0.46
N VAL A 193 18.61 -29.07 -1.23
CA VAL A 193 17.38 -28.28 -1.57
C VAL A 193 16.46 -29.12 -2.45
N GLN A 194 16.98 -29.72 -3.53
CA GLN A 194 16.15 -30.44 -4.51
C GLN A 194 15.44 -31.62 -3.84
N ASN A 195 16.10 -32.34 -2.92
CA ASN A 195 15.46 -33.50 -2.25
C ASN A 195 14.25 -32.98 -1.45
N ILE A 196 14.40 -31.85 -0.77
CA ILE A 196 13.28 -31.24 0.02
C ILE A 196 12.15 -30.80 -0.94
N ILE A 197 12.47 -30.22 -2.08
CA ILE A 197 11.43 -29.78 -3.06
C ILE A 197 10.63 -31.01 -3.51
N VAL A 198 11.32 -32.09 -3.90
CA VAL A 198 10.68 -33.32 -4.47
C VAL A 198 9.75 -33.92 -3.41
N GLN A 199 10.28 -34.15 -2.20
CA GLN A 199 9.47 -34.68 -1.07
C GLN A 199 8.23 -33.79 -0.89
N THR A 200 8.42 -32.46 -0.92
CA THR A 200 7.36 -31.46 -0.69
C THR A 200 6.28 -31.59 -1.77
N ILE A 201 6.68 -31.67 -3.04
CA ILE A 201 5.74 -31.89 -4.17
C ILE A 201 4.96 -33.17 -3.89
N GLN A 202 5.65 -34.25 -3.51
CA GLN A 202 5.00 -35.57 -3.29
C GLN A 202 3.94 -35.45 -2.18
N LYS A 203 4.27 -34.78 -1.08
CA LYS A 203 3.36 -34.58 0.07
C LYS A 203 2.13 -33.78 -0.37
N ILE A 204 2.36 -32.70 -1.12
CA ILE A 204 1.26 -31.82 -1.62
C ILE A 204 0.28 -32.69 -2.41
N ARG A 205 0.77 -33.47 -3.35
CA ARG A 205 -0.09 -34.27 -4.26
C ARG A 205 -0.73 -35.40 -3.46
N ALA A 206 -0.09 -35.93 -2.41
CA ALA A 206 -0.64 -37.03 -1.61
C ALA A 206 -1.84 -36.54 -0.78
N ALA A 207 -1.84 -35.26 -0.38
CA ALA A 207 -2.93 -34.63 0.40
C ALA A 207 -4.06 -34.15 -0.53
N GLY A 208 -3.96 -34.39 -1.84
CA GLY A 208 -5.01 -34.06 -2.81
C GLY A 208 -5.00 -32.59 -3.21
N LYS A 209 -3.89 -31.89 -3.02
CA LYS A 209 -3.77 -30.46 -3.44
C LYS A 209 -2.98 -30.41 -4.75
N ALA A 210 -3.17 -29.35 -5.53
CA ALA A 210 -2.31 -29.03 -6.70
C ALA A 210 -0.96 -28.51 -6.22
N ALA A 211 0.13 -29.02 -6.77
CA ALA A 211 1.51 -28.58 -6.47
C ALA A 211 1.94 -27.66 -7.60
N GLY A 212 2.71 -26.63 -7.27
CA GLY A 212 3.30 -25.74 -8.26
C GLY A 212 4.69 -25.28 -7.90
N ILE A 213 5.38 -24.72 -8.89
CA ILE A 213 6.79 -24.34 -8.79
C ILE A 213 7.15 -23.50 -10.01
N LEU A 214 8.20 -22.71 -9.85
CA LEU A 214 8.86 -21.92 -10.91
C LEU A 214 10.28 -22.46 -11.05
N SER A 215 10.71 -22.77 -12.26
CA SER A 215 12.15 -22.96 -12.57
C SER A 215 12.41 -22.54 -14.00
N ALA A 216 13.37 -21.64 -14.19
CA ALA A 216 13.93 -21.26 -15.51
C ALA A 216 14.88 -22.37 -16.00
N ASP A 217 15.19 -23.36 -15.18
CA ASP A 217 16.04 -24.51 -15.62
C ASP A 217 15.16 -25.54 -16.33
N GLU A 218 15.32 -25.71 -17.64
CA GLU A 218 14.48 -26.64 -18.46
C GLU A 218 14.53 -28.05 -17.86
N LYS A 219 15.70 -28.53 -17.48
CA LYS A 219 15.82 -29.92 -16.93
C LYS A 219 15.01 -30.02 -15.63
N LEU A 220 15.16 -29.07 -14.70
CA LEU A 220 14.40 -29.11 -13.41
C LEU A 220 12.91 -29.03 -13.72
N ALA A 221 12.49 -28.12 -14.61
CA ALA A 221 11.06 -27.93 -14.96
C ALA A 221 10.48 -29.23 -15.53
N LYS A 222 11.21 -29.90 -16.41
CA LYS A 222 10.73 -31.18 -16.99
C LYS A 222 10.67 -32.24 -15.89
N GLN A 223 11.63 -32.28 -14.98
CA GLN A 223 11.61 -33.25 -13.84
C GLN A 223 10.36 -32.98 -13.00
N TYR A 224 10.01 -31.72 -12.73
CA TYR A 224 8.85 -31.38 -11.87
C TYR A 224 7.57 -31.84 -12.58
N LEU A 225 7.48 -31.59 -13.89
CA LEU A 225 6.35 -32.05 -14.74
C LEU A 225 6.29 -33.59 -14.72
N GLU A 226 7.42 -34.29 -14.71
CA GLU A 226 7.39 -35.79 -14.70
C GLU A 226 6.84 -36.29 -13.36
N LEU A 227 7.07 -35.55 -12.26
CA LEU A 227 6.54 -35.90 -10.92
C LEU A 227 5.03 -35.63 -10.81
N GLY A 228 4.42 -34.94 -11.78
CA GLY A 228 2.97 -34.70 -11.84
C GLY A 228 2.59 -33.30 -11.38
N THR A 229 3.58 -32.43 -11.16
CA THR A 229 3.35 -31.06 -10.62
C THR A 229 2.32 -30.36 -11.51
N GLU A 230 1.26 -29.83 -10.91
CA GLU A 230 0.05 -29.36 -11.64
C GLU A 230 0.28 -28.00 -12.31
N PHE A 231 0.99 -27.05 -11.68
CA PHE A 231 1.24 -25.72 -12.30
C PHE A 231 2.72 -25.36 -12.18
N VAL A 232 3.38 -25.29 -13.33
CA VAL A 232 4.85 -25.13 -13.47
C VAL A 232 5.09 -23.89 -14.33
N ALA A 233 5.63 -22.84 -13.74
CA ALA A 233 6.13 -21.66 -14.47
C ALA A 233 7.54 -22.00 -14.96
N VAL A 234 7.86 -21.71 -16.22
CA VAL A 234 9.08 -22.24 -16.89
C VAL A 234 10.04 -21.08 -17.23
N GLY A 235 9.63 -19.84 -16.97
CA GLY A 235 10.47 -18.66 -17.24
C GLY A 235 9.86 -17.37 -16.72
N VAL A 236 10.58 -16.28 -16.95
CA VAL A 236 10.31 -14.92 -16.42
C VAL A 236 10.58 -13.94 -17.56
N ASP A 237 9.63 -13.05 -17.86
CA ASP A 237 9.72 -12.13 -19.02
C ASP A 237 10.99 -11.26 -18.87
N THR A 238 11.23 -10.65 -17.71
CA THR A 238 12.43 -9.80 -17.51
C THR A 238 13.69 -10.59 -17.87
N SER A 239 13.86 -11.81 -17.34
CA SER A 239 15.00 -12.73 -17.59
C SER A 239 15.11 -13.03 -19.09
N LEU A 240 14.03 -13.47 -19.73
CA LEU A 240 14.04 -13.77 -21.18
C LEU A 240 14.40 -12.52 -21.98
N LEU A 241 13.88 -11.34 -21.62
CA LEU A 241 14.18 -10.10 -22.38
C LEU A 241 15.68 -9.82 -22.28
N MET A 242 16.24 -9.86 -21.07
CA MET A 242 17.67 -9.54 -20.82
C MET A 242 18.56 -10.54 -21.57
N LYS A 243 18.29 -11.84 -21.40
CA LYS A 243 19.10 -12.95 -21.96
C LYS A 243 19.06 -12.92 -23.50
N SER A 244 17.89 -12.71 -24.10
CA SER A 244 17.74 -12.67 -25.57
C SER A 244 18.60 -11.51 -26.11
N MET A 245 18.57 -10.34 -25.46
CA MET A 245 19.29 -9.15 -25.93
C MET A 245 20.80 -9.36 -25.72
N LYS A 246 21.19 -10.02 -24.62
CA LYS A 246 22.62 -10.33 -24.33
C LYS A 246 23.17 -11.33 -25.35
N GLN A 247 22.42 -12.40 -25.63
CA GLN A 247 22.83 -13.48 -26.58
C GLN A 247 23.00 -12.88 -27.99
N LEU A 248 22.12 -11.97 -28.38
CA LEU A 248 22.20 -11.36 -29.72
C LEU A 248 23.45 -10.48 -29.80
N LEU A 249 23.70 -9.66 -28.78
CA LEU A 249 24.86 -8.74 -28.76
C LEU A 249 26.16 -9.54 -28.90
N SER A 250 26.25 -10.68 -28.21
CA SER A 250 27.46 -11.55 -28.14
C SER A 250 27.85 -12.03 -29.54
N LYS A 251 26.91 -12.09 -30.48
CA LYS A 251 27.18 -12.53 -31.87
C LYS A 251 27.95 -11.46 -32.64
N PHE A 252 27.94 -10.21 -32.17
CA PHE A 252 28.57 -9.05 -32.85
C PHE A 252 29.61 -8.35 -31.96
N LYS A 253 29.62 -8.65 -30.65
CA LYS A 253 30.33 -7.91 -29.57
C LYS A 253 30.46 -6.41 -29.93
N MET B 1 -2.91 32.74 3.75
CA MET B 1 -4.07 31.85 3.46
C MET B 1 -4.54 31.19 4.77
N VAL B 2 -5.86 31.11 4.98
CA VAL B 2 -6.49 30.41 6.14
C VAL B 2 -6.83 28.97 5.68
N ASN B 3 -6.81 28.00 6.61
CA ASN B 3 -7.07 26.56 6.30
C ASN B 3 -8.42 26.46 5.60
N THR B 4 -8.56 25.55 4.62
CA THR B 4 -9.82 25.25 3.90
C THR B 4 -10.89 24.88 4.95
N VAL B 5 -12.04 25.55 4.97
CA VAL B 5 -13.10 25.25 5.98
C VAL B 5 -13.76 23.91 5.57
N ASN B 6 -13.94 23.01 6.53
CA ASN B 6 -14.63 21.72 6.24
C ASN B 6 -16.13 21.93 6.42
N TYR B 7 -16.81 22.35 5.34
CA TYR B 7 -18.27 22.65 5.34
C TYR B 7 -19.04 21.34 5.53
N PHE B 8 -18.57 20.22 4.98
CA PHE B 8 -19.17 18.89 5.21
C PHE B 8 -19.33 18.70 6.72
N LYS B 9 -18.25 18.93 7.46
CA LYS B 9 -18.21 18.69 8.92
C LYS B 9 -19.24 19.59 9.62
N GLN B 10 -19.28 20.88 9.28
CA GLN B 10 -20.20 21.86 9.92
C GLN B 10 -21.65 21.47 9.61
N LYS B 11 -21.93 21.08 8.37
CA LYS B 11 -23.29 20.77 7.87
C LYS B 11 -23.82 19.46 8.47
N LEU B 12 -22.97 18.64 9.10
CA LEU B 12 -23.40 17.43 9.85
C LEU B 12 -24.40 17.83 10.94
N LYS B 13 -24.37 19.07 11.41
CA LYS B 13 -25.20 19.56 12.53
C LYS B 13 -26.33 20.48 12.04
N THR B 14 -26.36 20.87 10.76
CA THR B 14 -27.27 21.96 10.28
C THR B 14 -28.14 21.51 9.10
N GLU B 15 -27.85 20.39 8.44
CA GLU B 15 -28.66 19.97 7.27
C GLU B 15 -28.38 18.51 6.92
N GLN B 16 -29.02 18.05 5.86
CA GLN B 16 -28.96 16.67 5.36
C GLN B 16 -28.24 16.71 4.01
N GLN B 17 -27.06 16.12 3.95
CA GLN B 17 -26.15 16.29 2.80
C GLN B 17 -26.30 15.11 1.84
N ILE B 18 -26.55 15.41 0.56
CA ILE B 18 -26.77 14.40 -0.51
C ILE B 18 -25.44 14.12 -1.22
N GLY B 19 -25.14 12.84 -1.35
CA GLY B 19 -23.81 12.35 -1.70
C GLY B 19 -23.85 11.52 -2.95
N MET B 20 -22.72 11.47 -3.65
CA MET B 20 -22.51 10.65 -4.86
C MET B 20 -21.24 9.84 -4.65
N TRP B 21 -21.29 8.53 -4.89
CA TRP B 21 -20.10 7.66 -4.77
C TRP B 21 -19.24 7.86 -6.02
N VAL B 22 -17.93 8.08 -5.85
CA VAL B 22 -17.00 8.27 -7.00
C VAL B 22 -16.02 7.09 -7.04
N GLY B 23 -16.29 6.14 -7.95
CA GLY B 23 -15.42 4.96 -8.13
C GLY B 23 -14.87 4.86 -9.54
N LEU B 24 -14.94 5.90 -10.35
CA LEU B 24 -14.35 5.85 -11.71
C LEU B 24 -12.83 6.06 -11.65
N ALA B 25 -12.29 6.43 -10.48
CA ALA B 25 -10.86 6.31 -10.13
C ALA B 25 -10.01 7.22 -11.04
N ASP B 26 -10.52 8.40 -11.35
CA ASP B 26 -10.02 9.21 -12.48
C ASP B 26 -10.21 10.69 -12.16
N GLY B 27 -9.18 11.52 -12.31
CA GLY B 27 -9.31 12.98 -12.15
C GLY B 27 -10.38 13.59 -13.05
N TYR B 28 -10.48 13.14 -14.30
CA TYR B 28 -11.41 13.70 -15.32
C TYR B 28 -12.86 13.33 -14.95
N CYS B 29 -13.12 12.06 -14.65
CA CYS B 29 -14.45 11.55 -14.19
C CYS B 29 -14.88 12.24 -12.89
N ALA B 30 -13.96 12.43 -11.94
CA ALA B 30 -14.22 13.13 -10.67
C ALA B 30 -14.69 14.56 -10.94
N GLU B 31 -14.05 15.27 -11.88
CA GLU B 31 -14.48 16.64 -12.25
C GLU B 31 -15.91 16.59 -12.81
N ILE B 32 -16.25 15.62 -13.65
CA ILE B 32 -17.62 15.56 -14.21
C ILE B 32 -18.60 15.48 -13.03
N ALA B 33 -18.32 14.62 -12.06
CA ALA B 33 -19.18 14.43 -10.86
C ALA B 33 -19.25 15.77 -10.10
N ALA B 34 -18.15 16.51 -10.02
CA ALA B 34 -18.04 17.72 -9.19
C ALA B 34 -18.96 18.82 -9.75
N ASN B 35 -19.27 18.78 -11.03
CA ASN B 35 -20.10 19.81 -11.73
C ASN B 35 -21.59 19.66 -11.41
N VAL B 36 -22.03 18.53 -10.88
CA VAL B 36 -23.49 18.22 -10.80
C VAL B 36 -24.14 19.04 -9.67
N GLY B 37 -23.50 19.15 -8.50
CA GLY B 37 -24.03 19.92 -7.37
C GLY B 37 -24.34 19.06 -6.14
N TYR B 38 -23.74 17.87 -6.04
CA TYR B 38 -23.84 17.01 -4.83
C TYR B 38 -23.19 17.75 -3.67
N ASP B 39 -23.75 17.55 -2.47
CA ASP B 39 -23.23 18.12 -1.20
C ASP B 39 -21.85 17.50 -0.94
N TRP B 40 -21.71 16.21 -1.23
CA TRP B 40 -20.44 15.50 -0.99
C TRP B 40 -20.20 14.44 -2.06
N LEU B 41 -18.92 14.16 -2.29
CA LEU B 41 -18.42 13.13 -3.22
C LEU B 41 -17.54 12.20 -2.40
N LEU B 42 -17.81 10.89 -2.45
CA LEU B 42 -17.02 9.84 -1.76
C LEU B 42 -16.01 9.27 -2.76
N ILE B 43 -14.76 9.65 -2.61
CA ILE B 43 -13.67 9.10 -3.47
C ILE B 43 -13.30 7.78 -2.82
N ASP B 44 -13.63 6.66 -3.50
CA ASP B 44 -13.62 5.33 -2.87
C ASP B 44 -12.26 4.65 -3.05
N GLY B 45 -11.44 4.65 -2.00
CA GLY B 45 -10.11 4.00 -1.99
C GLY B 45 -10.24 2.55 -1.55
N GLU B 46 -11.45 2.08 -1.26
CA GLU B 46 -11.64 0.71 -0.73
C GLU B 46 -12.09 -0.24 -1.85
N HIS B 47 -13.01 0.19 -2.70
CA HIS B 47 -13.70 -0.69 -3.67
C HIS B 47 -13.59 -0.16 -5.11
N ALA B 48 -12.85 0.92 -5.33
CA ALA B 48 -12.43 1.34 -6.68
C ALA B 48 -10.92 1.32 -6.77
N PRO B 49 -10.34 1.15 -7.98
CA PRO B 49 -8.89 0.97 -8.12
C PRO B 49 -8.15 2.31 -7.97
N ASN B 50 -8.08 2.81 -6.74
CA ASN B 50 -7.43 4.09 -6.38
C ASN B 50 -6.18 3.83 -5.54
N ASP B 51 -5.24 4.75 -5.61
CA ASP B 51 -4.09 4.81 -4.69
C ASP B 51 -3.96 6.26 -4.25
N VAL B 52 -2.99 6.58 -3.41
CA VAL B 52 -2.77 7.98 -2.95
C VAL B 52 -2.68 8.92 -4.17
N ARG B 53 -1.98 8.55 -5.22
CA ARG B 53 -1.71 9.49 -6.35
C ARG B 53 -3.01 9.72 -7.14
N SER B 54 -3.82 8.68 -7.39
CA SER B 54 -5.10 8.86 -8.11
C SER B 54 -6.09 9.63 -7.20
N ILE B 55 -6.06 9.43 -5.90
CA ILE B 55 -6.96 10.20 -4.97
C ILE B 55 -6.54 11.67 -5.02
N LEU B 56 -5.23 11.95 -5.02
CA LEU B 56 -4.70 13.33 -5.12
C LEU B 56 -5.26 14.00 -6.37
N ALA B 57 -5.15 13.36 -7.53
CA ALA B 57 -5.64 13.94 -8.81
C ALA B 57 -7.15 14.28 -8.68
N GLN B 58 -7.93 13.44 -8.01
CA GLN B 58 -9.40 13.62 -7.91
C GLN B 58 -9.70 14.78 -6.96
N LEU B 59 -8.96 14.90 -5.84
CA LEU B 59 -9.06 16.07 -4.92
C LEU B 59 -8.76 17.36 -5.69
N GLN B 60 -7.75 17.34 -6.55
CA GLN B 60 -7.32 18.56 -7.31
C GLN B 60 -8.45 18.96 -8.26
N SER B 61 -9.05 17.99 -8.94
CA SER B 61 -10.20 18.17 -9.88
C SER B 61 -11.40 18.79 -9.16
N ILE B 62 -11.79 18.22 -8.03
CA ILE B 62 -13.00 18.56 -7.24
C ILE B 62 -12.83 19.90 -6.51
N ALA B 63 -11.59 20.29 -6.21
CA ALA B 63 -11.25 21.46 -5.36
C ALA B 63 -11.83 22.77 -5.91
N ALA B 64 -12.02 22.88 -7.23
CA ALA B 64 -12.54 24.11 -7.87
C ALA B 64 -14.06 24.20 -7.71
N TYR B 65 -14.71 23.19 -7.14
CA TYR B 65 -16.20 23.09 -7.05
C TYR B 65 -16.65 23.09 -5.60
N PRO B 66 -17.90 23.49 -5.32
CA PRO B 66 -18.43 23.48 -3.95
C PRO B 66 -18.59 22.09 -3.32
N SER B 67 -18.75 21.00 -4.07
CA SER B 67 -18.92 19.62 -3.52
C SER B 67 -17.77 19.31 -2.57
N GLN B 68 -18.08 18.82 -1.37
CA GLN B 68 -17.08 18.48 -0.32
C GLN B 68 -16.57 17.05 -0.56
N ALA B 69 -15.26 16.84 -0.57
CA ALA B 69 -14.66 15.51 -0.84
C ALA B 69 -14.53 14.76 0.48
N VAL B 70 -14.99 13.52 0.45
CA VAL B 70 -14.79 12.51 1.54
C VAL B 70 -14.00 11.37 0.92
N VAL B 71 -12.96 10.88 1.59
CA VAL B 71 -12.12 9.79 1.02
C VAL B 71 -12.31 8.54 1.88
N ARG B 72 -12.62 7.40 1.29
CA ARG B 72 -12.60 6.10 2.01
C ARG B 72 -11.28 5.37 1.79
N PRO B 73 -10.38 5.23 2.79
CA PRO B 73 -9.21 4.35 2.64
C PRO B 73 -9.62 2.87 2.59
N VAL B 74 -8.73 2.02 2.04
CA VAL B 74 -8.98 0.56 1.88
C VAL B 74 -9.23 -0.08 3.25
N SER B 75 -8.65 0.47 4.32
CA SER B 75 -8.81 -0.01 5.71
C SER B 75 -8.39 1.10 6.67
N GLY B 76 -8.56 0.87 7.96
CA GLY B 76 -8.19 1.81 9.02
C GLY B 76 -6.71 1.69 9.29
N ASP B 77 -5.91 1.99 8.28
CA ASP B 77 -4.45 1.85 8.36
C ASP B 77 -3.88 3.22 8.74
N VAL B 78 -3.17 3.33 9.86
CA VAL B 78 -2.69 4.64 10.41
C VAL B 78 -1.79 5.32 9.36
N PRO B 79 -0.72 4.66 8.83
CA PRO B 79 0.15 5.31 7.85
C PRO B 79 -0.57 5.81 6.58
N LEU B 80 -1.51 5.03 6.07
CA LEU B 80 -2.33 5.42 4.88
C LEU B 80 -3.21 6.63 5.24
N ILE B 81 -3.78 6.65 6.44
CA ILE B 81 -4.60 7.78 6.93
C ILE B 81 -3.72 9.05 6.90
N LYS B 82 -2.50 8.93 7.40
CA LYS B 82 -1.48 10.01 7.40
C LYS B 82 -1.31 10.52 5.96
N GLN B 83 -1.14 9.61 5.00
CA GLN B 83 -0.87 9.97 3.60
C GLN B 83 -2.06 10.74 3.00
N LEU B 84 -3.27 10.27 3.25
CA LEU B 84 -4.50 10.86 2.66
C LEU B 84 -4.75 12.23 3.30
N LEU B 85 -4.49 12.39 4.59
CA LEU B 85 -4.61 13.71 5.24
C LEU B 85 -3.59 14.69 4.64
N ASP B 86 -2.35 14.25 4.37
CA ASP B 86 -1.33 15.24 3.89
C ASP B 86 -1.63 15.66 2.44
N ILE B 87 -2.27 14.82 1.61
CA ILE B 87 -2.65 15.25 0.22
C ILE B 87 -3.90 16.15 0.31
N GLY B 88 -4.51 16.24 1.49
CA GLY B 88 -5.47 17.29 1.84
C GLY B 88 -6.91 16.82 1.96
N ALA B 89 -7.14 15.51 2.00
CA ALA B 89 -8.47 14.91 2.34
C ALA B 89 -8.84 15.37 3.74
N GLN B 90 -9.95 16.09 3.90
CA GLN B 90 -10.31 16.68 5.23
C GLN B 90 -11.38 15.83 5.93
N THR B 91 -12.03 14.92 5.21
CA THR B 91 -13.06 13.99 5.77
C THR B 91 -12.71 12.58 5.33
N LEU B 92 -12.59 11.66 6.30
CA LEU B 92 -12.25 10.24 6.05
C LEU B 92 -13.44 9.37 6.48
N LEU B 93 -13.73 8.36 5.65
CA LEU B 93 -14.74 7.32 5.97
C LEU B 93 -13.97 6.00 6.14
N ILE B 94 -13.85 5.53 7.38
CA ILE B 94 -13.06 4.31 7.71
C ILE B 94 -13.96 3.09 7.61
N PRO B 95 -13.68 2.12 6.72
CA PRO B 95 -14.51 0.91 6.65
C PRO B 95 -14.30 -0.04 7.84
N MET B 96 -15.33 -0.84 8.12
CA MET B 96 -15.25 -2.08 8.95
C MET B 96 -14.70 -1.73 10.34
N VAL B 97 -15.23 -0.68 10.95
CA VAL B 97 -14.85 -0.33 12.34
C VAL B 97 -15.74 -1.14 13.28
N GLU B 98 -15.11 -1.82 14.25
CA GLU B 98 -15.72 -2.92 15.02
C GLU B 98 -15.49 -2.80 16.54
N SER B 99 -14.86 -1.76 17.06
CA SER B 99 -14.73 -1.56 18.53
C SER B 99 -14.45 -0.10 18.86
N ALA B 100 -14.73 0.29 20.11
CA ALA B 100 -14.36 1.59 20.69
C ALA B 100 -12.84 1.79 20.54
N GLU B 101 -12.05 0.74 20.78
CA GLU B 101 -10.56 0.82 20.77
C GLU B 101 -10.09 1.17 19.34
N GLN B 102 -10.70 0.57 18.33
CA GLN B 102 -10.34 0.85 16.92
C GLN B 102 -10.77 2.27 16.57
N ALA B 103 -11.99 2.66 16.92
CA ALA B 103 -12.49 4.03 16.69
C ALA B 103 -11.58 5.05 17.38
N GLU B 104 -11.13 4.78 18.62
CA GLU B 104 -10.21 5.70 19.35
C GLU B 104 -8.88 5.84 18.59
N LEU B 105 -8.38 4.74 18.02
CA LEU B 105 -7.11 4.76 17.28
C LEU B 105 -7.29 5.60 16.01
N MET B 106 -8.46 5.50 15.37
CA MET B 106 -8.81 6.27 14.14
C MET B 106 -8.89 7.76 14.47
N VAL B 107 -9.40 8.13 15.66
CA VAL B 107 -9.44 9.54 16.12
C VAL B 107 -8.01 10.05 16.23
N LYS B 108 -7.14 9.32 16.94
CA LYS B 108 -5.73 9.71 17.15
C LYS B 108 -5.01 9.79 15.81
N ALA B 109 -5.29 8.88 14.88
CA ALA B 109 -4.63 8.82 13.56
C ALA B 109 -4.90 10.12 12.80
N THR B 110 -5.98 10.84 13.13
CA THR B 110 -6.40 12.06 12.41
C THR B 110 -5.93 13.34 13.12
N ARG B 111 -5.29 13.22 14.28
CA ARG B 111 -4.88 14.41 15.07
C ARG B 111 -3.38 14.40 15.31
N TYR B 112 -2.78 15.58 15.27
CA TYR B 112 -1.32 15.77 15.50
C TYR B 112 -0.97 15.44 16.95
N PRO B 113 0.28 15.02 17.21
CA PRO B 113 0.77 14.92 18.57
C PRO B 113 0.82 16.31 19.16
N PRO B 114 0.79 16.45 20.51
CA PRO B 114 0.88 15.31 21.42
C PRO B 114 -0.43 14.53 21.64
N GLU B 115 -1.59 15.07 21.23
CA GLU B 115 -2.91 14.44 21.54
C GLU B 115 -3.18 13.26 20.60
N GLY B 116 -2.64 13.29 19.38
CA GLY B 116 -2.83 12.21 18.40
C GLY B 116 -1.53 11.65 17.87
N ILE B 117 -1.59 10.84 16.81
CA ILE B 117 -0.40 10.15 16.24
C ILE B 117 -0.28 10.48 14.75
N ARG B 118 -1.03 11.45 14.25
CA ARG B 118 -0.82 11.92 12.85
C ARG B 118 0.64 12.38 12.65
N GLY B 119 1.35 11.74 11.71
CA GLY B 119 2.72 12.15 11.32
C GLY B 119 2.75 13.59 10.87
N VAL B 120 3.79 14.33 11.25
CA VAL B 120 3.92 15.78 10.99
C VAL B 120 4.86 16.01 9.82
N GLY B 121 4.35 16.54 8.71
CA GLY B 121 5.17 16.85 7.52
C GLY B 121 4.54 17.96 6.69
N ALA B 122 4.28 19.10 7.33
CA ALA B 122 3.48 20.21 6.78
C ALA B 122 4.20 20.89 5.61
N ALA B 123 5.53 20.95 5.63
CA ALA B 123 6.33 21.57 4.56
C ALA B 123 6.04 20.88 3.21
N LEU B 124 5.70 19.59 3.23
CA LEU B 124 5.52 18.75 2.01
C LEU B 124 4.05 18.61 1.59
N ALA B 125 3.09 19.06 2.39
CA ALA B 125 1.68 18.62 2.30
C ALA B 125 0.87 19.60 1.45
N ARG B 126 0.10 19.10 0.49
CA ARG B 126 -0.98 19.89 -0.12
C ARG B 126 -1.93 20.36 0.99
N ALA B 127 -2.09 19.57 2.06
CA ALA B 127 -2.97 19.90 3.20
C ALA B 127 -2.68 21.30 3.72
N SER B 128 -1.40 21.64 3.89
CA SER B 128 -0.95 22.95 4.39
C SER B 128 -0.73 23.91 3.23
N ARG B 129 -1.02 23.49 1.99
CA ARG B 129 -0.55 24.16 0.75
C ARG B 129 0.95 24.46 0.90
N TRP B 130 1.75 23.51 1.40
CA TRP B 130 3.23 23.60 1.47
C TRP B 130 3.62 24.82 2.30
N ASN B 131 2.91 24.97 3.43
CA ASN B 131 3.03 26.00 4.49
C ASN B 131 2.52 27.36 4.01
N ASN B 132 1.84 27.43 2.87
CA ASN B 132 1.21 28.70 2.43
C ASN B 132 0.01 28.99 3.35
N ILE B 133 -0.56 27.95 3.99
CA ILE B 133 -1.42 28.08 5.20
C ILE B 133 -0.50 28.16 6.43
N SER B 134 -0.16 29.38 6.85
CA SER B 134 0.96 29.68 7.79
C SER B 134 0.74 29.07 9.19
N ASP B 135 -0.50 28.89 9.64
CA ASP B 135 -0.79 28.39 11.01
C ASP B 135 -1.42 27.00 10.94
N TYR B 136 -1.18 26.27 9.83
CA TYR B 136 -1.82 24.95 9.55
C TYR B 136 -1.68 24.02 10.78
N LEU B 137 -0.47 23.91 11.34
CA LEU B 137 -0.23 22.96 12.45
C LEU B 137 -1.08 23.29 13.66
N GLN B 138 -1.57 24.54 13.78
CA GLN B 138 -2.50 24.94 14.88
C GLN B 138 -3.97 24.73 14.46
N THR B 139 -4.34 24.91 13.19
CA THR B 139 -5.75 25.02 12.73
C THR B 139 -6.23 23.72 12.04
N ALA B 140 -5.34 22.75 11.82
CA ALA B 140 -5.61 21.53 11.02
C ALA B 140 -6.69 20.69 11.70
N ASP B 141 -6.45 20.31 12.95
CA ASP B 141 -7.28 19.31 13.67
C ASP B 141 -8.76 19.73 13.57
N GLU B 142 -9.05 21.04 13.66
CA GLU B 142 -10.44 21.57 13.74
C GLU B 142 -11.23 21.23 12.47
N GLN B 143 -10.58 21.19 11.31
CA GLN B 143 -11.26 21.05 9.99
C GLN B 143 -11.19 19.60 9.51
N ILE B 144 -10.76 18.66 10.35
CA ILE B 144 -10.70 17.22 10.00
C ILE B 144 -11.99 16.58 10.56
N CYS B 145 -12.63 15.77 9.76
CA CYS B 145 -13.90 15.08 10.09
C CYS B 145 -13.67 13.58 9.99
N LEU B 146 -13.88 12.83 11.07
CA LEU B 146 -13.74 11.35 11.08
C LEU B 146 -15.12 10.69 11.03
N LEU B 147 -15.35 9.87 10.00
CA LEU B 147 -16.53 9.00 9.88
C LEU B 147 -16.07 7.55 9.99
N VAL B 148 -16.87 6.70 10.63
CA VAL B 148 -16.53 5.26 10.76
C VAL B 148 -17.73 4.46 10.28
N GLN B 149 -17.45 3.34 9.62
CA GLN B 149 -18.48 2.43 9.09
C GLN B 149 -18.75 1.33 10.13
N VAL B 150 -20.03 1.19 10.48
CA VAL B 150 -20.57 -0.01 11.15
C VAL B 150 -21.28 -0.86 10.09
N GLU B 151 -20.70 -2.03 9.80
CA GLU B 151 -21.14 -2.87 8.66
C GLU B 151 -20.80 -4.35 8.91
N SER B 152 -20.73 -4.76 10.18
CA SER B 152 -20.49 -6.16 10.61
C SER B 152 -21.26 -6.43 11.90
N LYS B 153 -21.43 -7.70 12.23
CA LYS B 153 -22.07 -8.11 13.51
C LYS B 153 -21.23 -7.55 14.67
N LYS B 154 -19.91 -7.67 14.61
CA LYS B 154 -19.05 -7.17 15.71
C LYS B 154 -19.23 -5.65 15.88
N GLY B 155 -19.28 -4.92 14.78
CA GLY B 155 -19.64 -3.48 14.75
C GLY B 155 -20.94 -3.22 15.47
N LEU B 156 -22.01 -3.91 15.09
CA LEU B 156 -23.32 -3.77 15.80
C LEU B 156 -23.16 -4.19 17.27
N ASP B 157 -22.27 -5.13 17.56
CA ASP B 157 -22.06 -5.65 18.93
C ASP B 157 -21.33 -4.61 19.79
N ASN B 158 -20.74 -3.59 19.15
CA ASN B 158 -19.90 -2.57 19.80
C ASN B 158 -20.44 -1.18 19.49
N LEU B 159 -21.68 -1.09 19.00
CA LEU B 159 -22.28 0.19 18.52
C LEU B 159 -22.32 1.22 19.66
N ASP B 160 -22.84 0.85 20.84
CA ASP B 160 -22.98 1.81 21.98
C ASP B 160 -21.60 2.34 22.36
N GLU B 161 -20.61 1.45 22.37
CA GLU B 161 -19.19 1.76 22.71
C GLU B 161 -18.60 2.69 21.64
N ILE B 162 -18.77 2.38 20.37
CA ILE B 162 -18.26 3.28 19.29
C ILE B 162 -18.91 4.67 19.40
N LEU B 163 -20.22 4.73 19.67
CA LEU B 163 -21.00 5.99 19.74
C LEU B 163 -20.56 6.83 20.95
N ASN B 164 -19.86 6.24 21.91
CA ASN B 164 -19.36 7.00 23.08
C ASN B 164 -17.95 7.55 22.83
N VAL B 165 -17.39 7.35 21.64
CA VAL B 165 -16.00 7.78 21.32
C VAL B 165 -16.04 9.26 20.87
N ASP B 166 -15.42 10.14 21.65
CA ASP B 166 -15.25 11.57 21.28
C ASP B 166 -14.25 11.60 20.12
N GLY B 167 -14.62 12.31 19.07
CA GLY B 167 -13.78 12.46 17.88
C GLY B 167 -14.37 11.70 16.71
N VAL B 168 -15.28 10.77 16.96
CA VAL B 168 -16.07 10.14 15.86
C VAL B 168 -17.20 11.12 15.57
N ASP B 169 -17.20 11.73 14.37
CA ASP B 169 -18.22 12.78 14.03
C ASP B 169 -19.46 12.11 13.43
N GLY B 170 -19.33 10.93 12.84
CA GLY B 170 -20.43 10.28 12.11
C GLY B 170 -20.22 8.79 12.06
N ILE B 171 -21.32 8.04 12.11
CA ILE B 171 -21.28 6.59 11.81
C ILE B 171 -22.08 6.35 10.53
N PHE B 172 -21.44 5.68 9.58
CA PHE B 172 -22.00 5.35 8.26
C PHE B 172 -22.31 3.85 8.22
N ILE B 173 -23.54 3.52 7.84
CA ILE B 173 -24.01 2.11 7.70
C ILE B 173 -23.75 1.68 6.25
N GLY B 174 -23.02 0.58 6.07
CA GLY B 174 -22.73 -0.03 4.75
C GLY B 174 -23.67 -1.20 4.51
N PRO B 175 -24.80 -1.01 3.78
CA PRO B 175 -25.79 -2.09 3.63
C PRO B 175 -25.28 -3.34 2.90
N ALA B 176 -24.34 -3.21 1.96
CA ALA B 176 -23.77 -4.38 1.24
C ALA B 176 -23.03 -5.27 2.23
N ASP B 177 -22.06 -4.71 2.94
CA ASP B 177 -21.25 -5.48 3.92
C ASP B 177 -22.20 -5.95 5.03
N LEU B 178 -23.14 -5.11 5.48
CA LEU B 178 -23.94 -5.48 6.68
C LEU B 178 -24.91 -6.62 6.30
N SER B 179 -25.58 -6.53 5.15
CA SER B 179 -26.52 -7.56 4.65
C SER B 179 -25.76 -8.89 4.50
N ALA B 180 -24.56 -8.84 3.91
CA ALA B 180 -23.70 -10.04 3.76
C ALA B 180 -23.39 -10.59 5.16
N ALA B 181 -22.99 -9.75 6.11
CA ALA B 181 -22.59 -10.21 7.46
C ALA B 181 -23.77 -10.94 8.12
N LEU B 182 -24.99 -10.48 7.85
CA LEU B 182 -26.24 -10.97 8.49
C LEU B 182 -26.77 -12.23 7.77
N GLY B 183 -26.09 -12.69 6.71
CA GLY B 183 -26.48 -13.89 5.95
C GLY B 183 -27.55 -13.58 4.91
N TYR B 184 -27.65 -12.32 4.49
CA TYR B 184 -28.57 -11.85 3.42
C TYR B 184 -27.76 -11.14 2.33
N ARG B 185 -26.67 -11.76 1.91
CA ARG B 185 -25.75 -11.22 0.88
C ARG B 185 -26.53 -10.92 -0.40
N GLY B 186 -26.46 -9.67 -0.87
CA GLY B 186 -27.12 -9.21 -2.10
C GLY B 186 -28.55 -8.75 -1.87
N ASN B 187 -29.12 -8.95 -0.68
CA ASN B 187 -30.55 -8.64 -0.38
C ASN B 187 -30.68 -7.75 0.86
N PRO B 188 -30.07 -6.55 0.85
CA PRO B 188 -30.20 -5.60 1.96
C PRO B 188 -31.63 -5.10 2.20
N GLY B 189 -32.47 -5.14 1.15
CA GLY B 189 -33.89 -4.72 1.14
C GLY B 189 -34.77 -5.58 2.06
N HIS B 190 -34.32 -6.76 2.46
CA HIS B 190 -35.07 -7.68 3.37
C HIS B 190 -35.35 -6.99 4.70
N GLU B 191 -36.58 -7.14 5.19
CA GLU B 191 -37.11 -6.53 6.44
C GLU B 191 -36.15 -6.80 7.61
N PHE B 192 -35.57 -8.00 7.75
CA PHE B 192 -34.61 -8.35 8.83
C PHE B 192 -33.48 -7.31 8.85
N VAL B 193 -32.88 -7.07 7.68
CA VAL B 193 -31.75 -6.10 7.50
C VAL B 193 -32.26 -4.68 7.75
N GLN B 194 -33.39 -4.31 7.13
CA GLN B 194 -33.88 -2.92 7.16
C GLN B 194 -34.23 -2.52 8.60
N ASN B 195 -34.83 -3.42 9.38
CA ASN B 195 -35.22 -3.10 10.79
C ASN B 195 -33.96 -2.79 11.58
N ILE B 196 -32.89 -3.56 11.39
CA ILE B 196 -31.58 -3.34 12.08
C ILE B 196 -30.97 -2.00 11.64
N ILE B 197 -31.05 -1.65 10.36
CA ILE B 197 -30.51 -0.37 9.81
C ILE B 197 -31.25 0.81 10.45
N VAL B 198 -32.59 0.78 10.46
CA VAL B 198 -33.43 1.88 11.03
C VAL B 198 -33.10 2.03 12.52
N GLN B 199 -33.08 0.94 13.26
CA GLN B 199 -32.76 0.93 14.70
C GLN B 199 -31.38 1.57 14.91
N THR B 200 -30.39 1.14 14.11
CA THR B 200 -28.98 1.63 14.13
C THR B 200 -28.97 3.13 13.86
N ILE B 201 -29.62 3.60 12.78
CA ILE B 201 -29.74 5.05 12.50
C ILE B 201 -30.26 5.73 13.79
N GLN B 202 -31.33 5.21 14.40
CA GLN B 202 -31.99 5.88 15.55
C GLN B 202 -31.01 6.00 16.72
N LYS B 203 -30.24 4.95 16.98
CA LYS B 203 -29.26 4.88 18.10
C LYS B 203 -28.14 5.89 17.84
N ILE B 204 -27.66 5.97 16.60
CA ILE B 204 -26.58 6.91 16.22
C ILE B 204 -27.03 8.35 16.53
N ARG B 205 -28.19 8.75 16.02
CA ARG B 205 -28.74 10.11 16.24
C ARG B 205 -29.01 10.31 17.75
N ALA B 206 -29.49 9.30 18.48
CA ALA B 206 -29.80 9.45 19.93
C ALA B 206 -28.52 9.78 20.71
N ALA B 207 -27.36 9.31 20.27
CA ALA B 207 -26.06 9.55 20.94
C ALA B 207 -25.43 10.87 20.46
N GLY B 208 -26.13 11.65 19.63
CA GLY B 208 -25.69 12.99 19.18
C GLY B 208 -24.62 12.92 18.10
N LYS B 209 -24.49 11.79 17.40
CA LYS B 209 -23.57 11.68 16.24
C LYS B 209 -24.36 11.82 14.95
N ALA B 210 -23.68 12.19 13.86
CA ALA B 210 -24.27 12.15 12.50
C ALA B 210 -24.39 10.69 12.04
N ALA B 211 -25.52 10.35 11.42
CA ALA B 211 -25.78 9.02 10.80
C ALA B 211 -25.63 9.17 9.31
N GLY B 212 -25.05 8.16 8.65
CA GLY B 212 -24.96 8.17 7.19
C GLY B 212 -25.19 6.80 6.59
N ILE B 213 -25.44 6.78 5.28
CA ILE B 213 -25.80 5.55 4.54
C ILE B 213 -25.70 5.82 3.05
N LEU B 214 -25.49 4.75 2.29
CA LEU B 214 -25.62 4.72 0.81
C LEU B 214 -26.80 3.83 0.45
N SER B 215 -27.69 4.30 -0.41
CA SER B 215 -28.65 3.45 -1.13
C SER B 215 -28.90 4.04 -2.50
N ALA B 216 -28.70 3.25 -3.55
CA ALA B 216 -29.11 3.56 -4.93
C ALA B 216 -30.63 3.41 -5.06
N ASP B 217 -31.30 2.87 -4.04
CA ASP B 217 -32.80 2.71 -4.10
C ASP B 217 -33.45 4.02 -3.68
N GLU B 218 -34.14 4.70 -4.59
CA GLU B 218 -34.72 6.05 -4.30
C GLU B 218 -35.64 5.97 -3.08
N LYS B 219 -36.52 4.98 -3.02
CA LYS B 219 -37.49 4.89 -1.90
C LYS B 219 -36.72 4.71 -0.58
N LEU B 220 -35.72 3.84 -0.54
CA LEU B 220 -34.95 3.59 0.72
C LEU B 220 -34.21 4.88 1.09
N ALA B 221 -33.60 5.57 0.12
CA ALA B 221 -32.85 6.83 0.37
C ALA B 221 -33.81 7.87 0.93
N LYS B 222 -35.00 8.00 0.37
CA LYS B 222 -35.98 9.01 0.88
C LYS B 222 -36.43 8.62 2.30
N GLN B 223 -36.60 7.33 2.59
CA GLN B 223 -36.99 6.85 3.95
C GLN B 223 -35.88 7.24 4.92
N TYR B 224 -34.61 7.04 4.56
CA TYR B 224 -33.48 7.33 5.47
C TYR B 224 -33.43 8.84 5.73
N LEU B 225 -33.64 9.66 4.70
CA LEU B 225 -33.72 11.14 4.85
C LEU B 225 -34.89 11.50 5.77
N GLU B 226 -36.04 10.83 5.63
CA GLU B 226 -37.23 11.15 6.49
C GLU B 226 -36.89 10.84 7.96
N LEU B 227 -36.03 9.85 8.22
CA LEU B 227 -35.60 9.51 9.61
C LEU B 227 -34.59 10.54 10.14
N GLY B 228 -34.07 11.44 9.31
CA GLY B 228 -33.16 12.53 9.74
C GLY B 228 -31.70 12.19 9.50
N THR B 229 -31.43 11.11 8.76
CA THR B 229 -30.05 10.68 8.42
C THR B 229 -29.30 11.88 7.85
N GLU B 230 -28.16 12.24 8.45
CA GLU B 230 -27.42 13.49 8.14
C GLU B 230 -26.62 13.40 6.82
N PHE B 231 -26.05 12.25 6.45
CA PHE B 231 -25.29 12.16 5.17
C PHE B 231 -25.71 10.90 4.42
N VAL B 232 -26.36 11.09 3.28
CA VAL B 232 -27.01 10.02 2.47
C VAL B 232 -26.44 10.10 1.06
N ALA B 233 -25.68 9.09 0.66
CA ALA B 233 -25.25 8.88 -0.73
C ALA B 233 -26.39 8.18 -1.46
N VAL B 234 -26.72 8.60 -2.68
CA VAL B 234 -27.97 8.20 -3.37
C VAL B 234 -27.65 7.48 -4.67
N GLY B 235 -26.36 7.31 -5.00
CA GLY B 235 -25.95 6.66 -6.25
C GLY B 235 -24.44 6.50 -6.33
N VAL B 236 -24.01 5.84 -7.40
CA VAL B 236 -22.60 5.45 -7.66
C VAL B 236 -22.34 5.73 -9.14
N ASP B 237 -21.25 6.43 -9.45
CA ASP B 237 -20.93 6.88 -10.83
C ASP B 237 -20.80 5.65 -11.73
N THR B 238 -20.04 4.62 -11.36
CA THR B 238 -19.89 3.39 -12.18
C THR B 238 -21.27 2.81 -12.50
N SER B 239 -22.15 2.69 -11.50
CA SER B 239 -23.53 2.16 -11.66
C SER B 239 -24.34 3.02 -12.63
N LEU B 240 -24.31 4.34 -12.47
CA LEU B 240 -25.11 5.27 -13.32
C LEU B 240 -24.58 5.24 -14.75
N LEU B 241 -23.26 5.22 -14.94
CA LEU B 241 -22.65 5.11 -16.28
C LEU B 241 -23.16 3.83 -16.96
N MET B 242 -23.06 2.67 -16.30
CA MET B 242 -23.44 1.37 -16.89
C MET B 242 -24.94 1.37 -17.21
N LYS B 243 -25.77 1.78 -16.24
CA LYS B 243 -27.26 1.73 -16.34
C LYS B 243 -27.68 2.68 -17.47
N SER B 244 -27.12 3.90 -17.53
CA SER B 244 -27.51 4.91 -18.53
C SER B 244 -27.20 4.38 -19.93
N MET B 245 -26.05 3.72 -20.12
CA MET B 245 -25.64 3.19 -21.44
C MET B 245 -26.52 1.97 -21.79
N LYS B 246 -26.85 1.14 -20.81
CA LYS B 246 -27.70 -0.06 -21.04
C LYS B 246 -29.12 0.40 -21.43
N GLN B 247 -29.69 1.32 -20.67
CA GLN B 247 -31.06 1.84 -20.90
C GLN B 247 -31.16 2.41 -22.32
N LEU B 248 -30.14 3.15 -22.75
CA LEU B 248 -30.13 3.78 -24.09
C LEU B 248 -30.09 2.68 -25.15
N LEU B 249 -29.20 1.69 -24.99
CA LEU B 249 -29.05 0.63 -26.02
C LEU B 249 -30.37 -0.13 -26.19
N SER B 250 -31.10 -0.34 -25.09
CA SER B 250 -32.37 -1.11 -25.07
C SER B 250 -33.43 -0.44 -25.96
N LYS B 251 -33.34 0.87 -26.17
CA LYS B 251 -34.28 1.61 -27.04
C LYS B 251 -34.06 1.26 -28.52
N PHE B 252 -32.91 0.67 -28.85
CA PHE B 252 -32.53 0.36 -30.25
C PHE B 252 -32.20 -1.12 -30.47
N LYS B 253 -32.00 -1.88 -29.38
CA LYS B 253 -31.37 -3.24 -29.31
C LYS B 253 -30.38 -3.44 -30.45
N MET C 1 28.90 -7.01 -14.54
CA MET C 1 28.65 -5.79 -13.72
C MET C 1 28.81 -6.15 -12.23
N VAL C 2 29.48 -5.28 -11.46
CA VAL C 2 29.60 -5.38 -9.98
C VAL C 2 28.47 -4.54 -9.35
N ASN C 3 28.00 -4.92 -8.16
CA ASN C 3 26.90 -4.21 -7.43
C ASN C 3 27.29 -2.74 -7.26
N THR C 4 26.32 -1.85 -7.45
CA THR C 4 26.44 -0.37 -7.27
C THR C 4 26.98 -0.07 -5.88
N VAL C 5 28.12 0.61 -5.77
CA VAL C 5 28.73 0.85 -4.43
C VAL C 5 27.83 1.86 -3.71
N ASN C 6 27.51 1.62 -2.45
CA ASN C 6 26.75 2.61 -1.64
C ASN C 6 27.76 3.59 -1.02
N TYR C 7 28.07 4.66 -1.74
CA TYR C 7 29.01 5.72 -1.32
C TYR C 7 28.41 6.49 -0.14
N PHE C 8 27.08 6.58 -0.03
CA PHE C 8 26.43 7.27 1.12
C PHE C 8 26.83 6.50 2.38
N LYS C 9 26.72 5.18 2.32
CA LYS C 9 27.01 4.30 3.47
C LYS C 9 28.48 4.47 3.88
N GLN C 10 29.39 4.46 2.92
CA GLN C 10 30.85 4.58 3.19
C GLN C 10 31.15 5.96 3.79
N LYS C 11 30.58 7.00 3.22
CA LYS C 11 30.84 8.40 3.62
C LYS C 11 30.28 8.69 5.03
N LEU C 12 29.38 7.86 5.57
CA LEU C 12 28.91 7.99 6.98
C LEU C 12 30.11 8.00 7.96
N LYS C 13 31.22 7.37 7.62
CA LYS C 13 32.40 7.27 8.53
C LYS C 13 33.56 8.19 8.09
N THR C 14 33.46 8.88 6.94
CA THR C 14 34.60 9.68 6.39
C THR C 14 34.26 11.17 6.21
N GLU C 15 32.98 11.56 6.13
CA GLU C 15 32.67 12.99 5.87
C GLU C 15 31.25 13.33 6.33
N GLN C 16 30.87 14.58 6.14
CA GLN C 16 29.54 15.11 6.51
C GLN C 16 28.79 15.37 5.21
N GLN C 17 27.70 14.63 5.01
CA GLN C 17 26.96 14.62 3.71
C GLN C 17 25.78 15.58 3.78
N ILE C 18 25.72 16.49 2.81
CA ILE C 18 24.69 17.56 2.69
C ILE C 18 23.55 17.02 1.80
N GLY C 19 22.33 17.08 2.31
CA GLY C 19 21.15 16.42 1.75
C GLY C 19 20.10 17.42 1.34
N MET C 20 19.26 17.00 0.40
CA MET C 20 18.10 17.76 -0.09
C MET C 20 16.88 16.83 -0.03
N TRP C 21 15.80 17.29 0.59
CA TRP C 21 14.53 16.53 0.65
C TRP C 21 13.86 16.59 -0.73
N VAL C 22 13.39 15.48 -1.27
CA VAL C 22 12.73 15.45 -2.61
C VAL C 22 11.29 14.98 -2.42
N GLY C 23 10.33 15.91 -2.39
CA GLY C 23 8.91 15.59 -2.21
C GLY C 23 8.05 16.11 -3.35
N LEU C 24 8.64 16.40 -4.50
CA LEU C 24 7.87 16.80 -5.69
C LEU C 24 7.31 15.56 -6.40
N ALA C 25 7.77 14.36 -6.02
CA ALA C 25 7.09 13.06 -6.28
C ALA C 25 7.05 12.80 -7.79
N ASP C 26 8.16 13.06 -8.46
CA ASP C 26 8.14 13.19 -9.94
C ASP C 26 9.55 12.88 -10.50
N GLY C 27 9.64 12.01 -11.51
CA GLY C 27 10.93 11.70 -12.17
C GLY C 27 11.65 12.96 -12.66
N TYR C 28 10.90 13.88 -13.27
CA TYR C 28 11.46 15.08 -13.94
C TYR C 28 12.00 16.03 -12.87
N CYS C 29 11.20 16.29 -11.83
CA CYS C 29 11.64 17.12 -10.66
C CYS C 29 12.84 16.49 -9.95
N ALA C 30 12.82 15.18 -9.76
CA ALA C 30 13.94 14.45 -9.11
C ALA C 30 15.22 14.71 -9.92
N GLU C 31 15.14 14.69 -11.25
CA GLU C 31 16.35 14.91 -12.10
C GLU C 31 16.84 16.35 -11.91
N ILE C 32 15.97 17.34 -11.78
CA ILE C 32 16.44 18.74 -11.62
C ILE C 32 17.27 18.79 -10.34
N ALA C 33 16.75 18.22 -9.26
CA ALA C 33 17.44 18.18 -7.96
C ALA C 33 18.77 17.45 -8.11
N ALA C 34 18.82 16.37 -8.90
CA ALA C 34 20.00 15.51 -9.08
C ALA C 34 21.14 16.30 -9.74
N ASN C 35 20.83 17.36 -10.47
CA ASN C 35 21.84 18.20 -11.19
C ASN C 35 22.54 19.18 -10.25
N VAL C 36 22.06 19.39 -9.02
CA VAL C 36 22.56 20.49 -8.17
C VAL C 36 23.93 20.12 -7.58
N GLY C 37 24.10 18.90 -7.04
CA GLY C 37 25.35 18.44 -6.43
C GLY C 37 25.21 18.12 -4.95
N TYR C 38 24.01 17.84 -4.46
CA TYR C 38 23.82 17.34 -3.07
C TYR C 38 24.49 15.97 -2.95
N ASP C 39 25.05 15.71 -1.77
CA ASP C 39 25.66 14.42 -1.41
C ASP C 39 24.55 13.35 -1.41
N TRP C 40 23.34 13.72 -0.98
CA TRP C 40 22.21 12.77 -0.92
C TRP C 40 20.88 13.48 -1.18
N LEU C 41 19.93 12.72 -1.72
CA LEU C 41 18.55 13.14 -2.01
C LEU C 41 17.65 12.17 -1.26
N LEU C 42 16.74 12.70 -0.44
CA LEU C 42 15.75 11.88 0.30
C LEU C 42 14.46 11.85 -0.53
N ILE C 43 14.16 10.72 -1.15
CA ILE C 43 12.89 10.55 -1.90
C ILE C 43 11.85 10.18 -0.86
N ASP C 44 10.92 11.10 -0.57
CA ASP C 44 10.04 10.97 0.63
C ASP C 44 8.76 10.20 0.28
N GLY C 45 8.68 8.94 0.70
CA GLY C 45 7.49 8.07 0.52
C GLY C 45 6.55 8.18 1.71
N GLU C 46 6.90 9.00 2.70
CA GLU C 46 6.10 9.18 3.93
C GLU C 46 5.21 10.43 3.84
N HIS C 47 5.74 11.58 3.41
CA HIS C 47 5.03 12.88 3.46
C HIS C 47 4.93 13.51 2.06
N ALA C 48 5.35 12.81 1.02
CA ALA C 48 5.08 13.24 -0.37
C ALA C 48 4.22 12.18 -1.04
N PRO C 49 3.39 12.51 -2.07
CA PRO C 49 2.46 11.54 -2.66
C PRO C 49 3.20 10.58 -3.62
N ASN C 50 3.94 9.66 -3.02
CA ASN C 50 4.78 8.69 -3.74
C ASN C 50 4.24 7.29 -3.53
N ASP C 51 4.46 6.41 -4.50
CA ASP C 51 4.26 4.95 -4.33
C ASP C 51 5.48 4.27 -4.92
N VAL C 52 5.54 2.94 -4.89
CA VAL C 52 6.73 2.18 -5.40
C VAL C 52 7.05 2.66 -6.84
N ARG C 53 6.05 2.78 -7.69
CA ARG C 53 6.30 3.09 -9.13
C ARG C 53 6.85 4.52 -9.29
N SER C 54 6.35 5.51 -8.54
CA SER C 54 6.89 6.88 -8.63
C SER C 54 8.30 6.94 -8.01
N ILE C 55 8.58 6.16 -6.96
CA ILE C 55 9.94 6.12 -6.38
C ILE C 55 10.91 5.52 -7.41
N LEU C 56 10.47 4.48 -8.14
CA LEU C 56 11.28 3.85 -9.19
C LEU C 56 11.65 4.88 -10.26
N ALA C 57 10.67 5.64 -10.76
CA ALA C 57 10.94 6.68 -11.78
C ALA C 57 12.02 7.66 -11.28
N GLN C 58 11.98 8.05 -10.01
CA GLN C 58 12.91 9.06 -9.44
C GLN C 58 14.29 8.43 -9.26
N LEU C 59 14.36 7.16 -8.84
CA LEU C 59 15.65 6.41 -8.77
C LEU C 59 16.28 6.38 -10.17
N GLN C 60 15.47 6.14 -11.20
CA GLN C 60 15.98 6.03 -12.59
C GLN C 60 16.55 7.38 -13.03
N SER C 61 15.86 8.48 -12.73
CA SER C 61 16.28 9.86 -13.04
C SER C 61 17.60 10.19 -12.35
N ILE C 62 17.70 9.89 -11.06
CA ILE C 62 18.83 10.27 -10.16
C ILE C 62 20.08 9.44 -10.49
N ALA C 63 19.90 8.22 -11.02
CA ALA C 63 20.96 7.19 -11.17
C ALA C 63 22.07 7.67 -12.10
N ALA C 64 21.80 8.57 -13.04
CA ALA C 64 22.83 9.12 -13.97
C ALA C 64 23.73 10.12 -13.25
N TYR C 65 23.45 10.49 -12.00
CA TYR C 65 24.11 11.61 -11.29
C TYR C 65 24.81 11.07 -10.05
N PRO C 66 25.84 11.77 -9.56
CA PRO C 66 26.56 11.33 -8.38
C PRO C 66 25.75 11.37 -7.06
N SER C 67 24.71 12.20 -6.95
CA SER C 67 23.86 12.31 -5.72
C SER C 67 23.35 10.92 -5.32
N GLN C 68 23.52 10.57 -4.05
CA GLN C 68 23.12 9.25 -3.49
C GLN C 68 21.65 9.31 -3.08
N ALA C 69 20.85 8.34 -3.53
CA ALA C 69 19.42 8.26 -3.21
C ALA C 69 19.20 7.53 -1.88
N VAL C 70 18.40 8.18 -1.04
CA VAL C 70 17.84 7.63 0.22
C VAL C 70 16.33 7.67 0.07
N VAL C 71 15.67 6.57 0.40
CA VAL C 71 14.19 6.47 0.30
C VAL C 71 13.60 6.34 1.70
N ARG C 72 12.62 7.19 2.02
CA ARG C 72 11.81 7.04 3.25
C ARG C 72 10.49 6.33 2.95
N PRO C 73 10.28 5.08 3.36
CA PRO C 73 8.94 4.47 3.27
C PRO C 73 7.93 5.14 4.22
N VAL C 74 6.64 4.98 3.93
CA VAL C 74 5.53 5.56 4.75
C VAL C 74 5.63 5.04 6.19
N SER C 75 6.16 3.84 6.40
CA SER C 75 6.26 3.20 7.74
C SER C 75 7.28 2.06 7.64
N GLY C 76 7.61 1.46 8.78
CA GLY C 76 8.53 0.32 8.87
C GLY C 76 7.82 -0.96 8.50
N ASP C 77 7.33 -1.02 7.27
CA ASP C 77 6.48 -2.14 6.79
C ASP C 77 7.42 -3.11 6.04
N VAL C 78 7.50 -4.37 6.49
CA VAL C 78 8.52 -5.32 5.99
C VAL C 78 8.30 -5.53 4.49
N PRO C 79 7.06 -5.86 4.02
CA PRO C 79 6.83 -6.04 2.59
C PRO C 79 7.12 -4.80 1.73
N LEU C 80 6.78 -3.59 2.21
CA LEU C 80 7.12 -2.33 1.51
C LEU C 80 8.64 -2.18 1.44
N ILE C 81 9.36 -2.55 2.49
CA ILE C 81 10.84 -2.48 2.51
C ILE C 81 11.40 -3.40 1.41
N LYS C 82 10.90 -4.64 1.34
CA LYS C 82 11.22 -5.61 0.26
C LYS C 82 11.06 -4.94 -1.11
N GLN C 83 9.93 -4.32 -1.35
CA GLN C 83 9.59 -3.70 -2.66
C GLN C 83 10.63 -2.63 -3.02
N LEU C 84 10.95 -1.77 -2.06
CA LEU C 84 11.85 -0.60 -2.27
C LEU C 84 13.28 -1.08 -2.49
N LEU C 85 13.73 -2.10 -1.74
CA LEU C 85 15.06 -2.69 -2.01
C LEU C 85 15.12 -3.29 -3.42
N ASP C 86 14.06 -3.95 -3.90
CA ASP C 86 14.14 -4.66 -5.21
C ASP C 86 14.14 -3.66 -6.38
N ILE C 87 13.53 -2.48 -6.25
CA ILE C 87 13.60 -1.47 -7.32
C ILE C 87 14.97 -0.77 -7.24
N GLY C 88 15.72 -1.01 -6.17
CA GLY C 88 17.16 -0.75 -6.13
C GLY C 88 17.56 0.40 -5.23
N ALA C 89 16.68 0.80 -4.30
CA ALA C 89 16.98 1.75 -3.20
C ALA C 89 17.98 1.07 -2.28
N GLN C 90 19.16 1.66 -2.09
CA GLN C 90 20.24 0.99 -1.30
C GLN C 90 20.31 1.57 0.11
N THR C 91 19.68 2.72 0.35
CA THR C 91 19.64 3.37 1.70
C THR C 91 18.18 3.69 2.01
N LEU C 92 17.70 3.21 3.16
CA LEU C 92 16.31 3.48 3.61
C LEU C 92 16.36 4.23 4.95
N LEU C 93 15.42 5.17 5.10
CA LEU C 93 15.22 5.96 6.34
C LEU C 93 13.86 5.54 6.88
N ILE C 94 13.84 4.81 7.99
CA ILE C 94 12.57 4.26 8.55
C ILE C 94 12.02 5.27 9.54
N PRO C 95 10.79 5.81 9.32
CA PRO C 95 10.19 6.75 10.27
C PRO C 95 9.74 6.07 11.58
N MET C 96 9.72 6.85 12.66
CA MET C 96 8.99 6.57 13.92
C MET C 96 9.44 5.22 14.49
N VAL C 97 10.75 5.02 14.60
CA VAL C 97 11.30 3.78 15.20
C VAL C 97 11.39 4.01 16.70
N GLU C 98 10.81 3.11 17.48
CA GLU C 98 10.52 3.39 18.91
C GLU C 98 11.05 2.29 19.82
N SER C 99 11.72 1.25 19.33
CA SER C 99 12.32 0.22 20.22
C SER C 99 13.47 -0.51 19.51
N ALA C 100 14.35 -1.14 20.30
CA ALA C 100 15.41 -2.04 19.83
C ALA C 100 14.76 -3.17 19.02
N GLU C 101 13.63 -3.69 19.48
CA GLU C 101 12.92 -4.82 18.82
C GLU C 101 12.49 -4.36 17.41
N GLN C 102 11.90 -3.18 17.27
CA GLN C 102 11.49 -2.65 15.95
C GLN C 102 12.73 -2.42 15.09
N ALA C 103 13.79 -1.82 15.62
CA ALA C 103 15.05 -1.57 14.87
C ALA C 103 15.65 -2.91 14.41
N GLU C 104 15.68 -3.94 15.26
CA GLU C 104 16.20 -5.29 14.90
C GLU C 104 15.39 -5.88 13.74
N LEU C 105 14.06 -5.69 13.73
CA LEU C 105 13.18 -6.21 12.65
C LEU C 105 13.49 -5.48 11.33
N MET C 106 13.75 -4.17 11.39
CA MET C 106 14.14 -3.32 10.23
C MET C 106 15.49 -3.79 9.67
N VAL C 107 16.45 -4.17 10.54
CA VAL C 107 17.75 -4.73 10.11
C VAL C 107 17.47 -5.99 9.30
N LYS C 108 16.69 -6.91 9.84
CA LYS C 108 16.41 -8.22 9.19
C LYS C 108 15.67 -7.98 7.88
N ALA C 109 14.76 -7.01 7.85
CA ALA C 109 13.95 -6.68 6.66
C ALA C 109 14.85 -6.27 5.49
N THR C 110 16.08 -5.81 5.75
CA THR C 110 17.03 -5.35 4.71
C THR C 110 18.06 -6.44 4.34
N ARG C 111 18.02 -7.62 4.96
CA ARG C 111 19.05 -8.66 4.71
C ARG C 111 18.37 -9.94 4.23
N TYR C 112 19.00 -10.62 3.30
CA TYR C 112 18.51 -11.91 2.78
C TYR C 112 18.53 -12.98 3.86
N PRO C 113 17.65 -14.01 3.75
CA PRO C 113 17.76 -15.20 4.58
C PRO C 113 19.07 -15.87 4.18
N PRO C 114 19.67 -16.69 5.08
CA PRO C 114 19.03 -17.08 6.34
C PRO C 114 19.12 -16.06 7.49
N GLU C 115 20.02 -15.07 7.43
CA GLU C 115 20.25 -14.11 8.53
C GLU C 115 19.10 -13.09 8.63
N GLY C 116 18.48 -12.72 7.51
CA GLY C 116 17.38 -11.74 7.49
C GLY C 116 16.10 -12.29 6.89
N ILE C 117 15.13 -11.41 6.60
CA ILE C 117 13.79 -11.83 6.09
C ILE C 117 13.49 -11.10 4.78
N ARG C 118 14.47 -10.43 4.16
CA ARG C 118 14.25 -9.83 2.83
C ARG C 118 13.83 -10.93 1.83
N GLY C 119 12.66 -10.75 1.19
CA GLY C 119 12.16 -11.67 0.15
C GLY C 119 13.11 -11.72 -1.04
N VAL C 120 13.34 -12.92 -1.59
CA VAL C 120 14.37 -13.16 -2.64
C VAL C 120 13.67 -13.17 -3.99
N GLY C 121 14.02 -12.24 -4.88
CA GLY C 121 13.44 -12.17 -6.24
C GLY C 121 14.34 -11.43 -7.22
N ALA C 122 15.60 -11.86 -7.31
CA ALA C 122 16.70 -11.16 -8.00
C ALA C 122 16.49 -11.16 -9.52
N ALA C 123 15.89 -12.19 -10.09
CA ALA C 123 15.60 -12.25 -11.54
C ALA C 123 14.73 -11.06 -11.94
N LEU C 124 13.92 -10.52 -11.03
CA LEU C 124 12.87 -9.50 -11.34
C LEU C 124 13.30 -8.08 -10.95
N ALA C 125 14.43 -7.91 -10.27
CA ALA C 125 14.76 -6.69 -9.52
C ALA C 125 15.70 -5.81 -10.34
N ARG C 126 15.36 -4.54 -10.48
CA ARG C 126 16.32 -3.49 -10.90
C ARG C 126 17.54 -3.55 -9.97
N ALA C 127 17.37 -3.93 -8.71
CA ALA C 127 18.46 -3.99 -7.70
C ALA C 127 19.61 -4.87 -8.20
N SER C 128 19.28 -6.02 -8.81
CA SER C 128 20.26 -6.99 -9.36
C SER C 128 20.55 -6.66 -10.82
N ARG C 129 19.96 -5.57 -11.35
CA ARG C 129 19.83 -5.31 -12.80
C ARG C 129 19.38 -6.60 -13.50
N TRP C 130 18.35 -7.25 -12.98
CA TRP C 130 17.72 -8.47 -13.58
C TRP C 130 18.79 -9.55 -13.78
N ASN C 131 19.64 -9.71 -12.76
CA ASN C 131 20.74 -10.70 -12.64
C ASN C 131 21.89 -10.35 -13.58
N ASN C 132 21.93 -9.15 -14.16
CA ASN C 132 23.11 -8.66 -14.89
C ASN C 132 24.24 -8.31 -13.91
N ILE C 133 23.92 -8.10 -12.62
CA ILE C 133 24.89 -8.17 -11.48
C ILE C 133 24.94 -9.63 -11.02
N SER C 134 25.90 -10.41 -11.56
CA SER C 134 25.86 -11.90 -11.55
C SER C 134 25.90 -12.46 -10.11
N ASP C 135 26.56 -11.77 -9.17
CA ASP C 135 26.76 -12.28 -7.77
C ASP C 135 25.94 -11.42 -6.79
N TYR C 136 24.85 -10.79 -7.25
CA TYR C 136 24.03 -9.86 -6.43
C TYR C 136 23.60 -10.52 -5.10
N LEU C 137 23.10 -11.76 -5.13
CA LEU C 137 22.60 -12.42 -3.90
C LEU C 137 23.72 -12.60 -2.88
N GLN C 138 24.99 -12.54 -3.29
CA GLN C 138 26.16 -12.61 -2.38
C GLN C 138 26.62 -11.22 -1.93
N THR C 139 26.49 -10.18 -2.76
CA THR C 139 27.11 -8.85 -2.54
C THR C 139 26.08 -7.79 -2.10
N ALA C 140 24.79 -8.12 -2.09
CA ALA C 140 23.69 -7.16 -1.89
C ALA C 140 23.79 -6.55 -0.49
N ASP C 141 23.85 -7.43 0.52
CA ASP C 141 23.66 -7.05 1.95
C ASP C 141 24.67 -5.92 2.27
N GLU C 142 25.89 -5.97 1.72
CA GLU C 142 27.01 -5.08 2.14
C GLU C 142 26.79 -3.64 1.68
N GLN C 143 26.05 -3.42 0.59
CA GLN C 143 25.82 -2.08 -0.01
C GLN C 143 24.45 -1.52 0.42
N ILE C 144 23.75 -2.18 1.32
CA ILE C 144 22.46 -1.71 1.90
C ILE C 144 22.81 -0.96 3.19
N CYS C 145 22.18 0.21 3.36
CA CYS C 145 22.39 1.11 4.51
C CYS C 145 21.05 1.35 5.20
N LEU C 146 20.96 1.05 6.49
CA LEU C 146 19.71 1.24 7.26
C LEU C 146 19.83 2.44 8.20
N LEU C 147 18.91 3.39 8.03
CA LEU C 147 18.77 4.57 8.93
C LEU C 147 17.41 4.46 9.61
N VAL C 148 17.34 4.79 10.90
CA VAL C 148 16.04 4.80 11.62
C VAL C 148 15.82 6.18 12.19
N GLN C 149 14.56 6.63 12.25
CA GLN C 149 14.23 7.95 12.80
C GLN C 149 13.84 7.77 14.27
N VAL C 150 14.47 8.57 15.12
CA VAL C 150 14.00 8.81 16.51
C VAL C 150 13.32 10.19 16.55
N GLU C 151 12.01 10.20 16.79
CA GLU C 151 11.19 11.42 16.60
C GLU C 151 9.90 11.32 17.43
N SER C 152 9.96 10.61 18.56
CA SER C 152 8.87 10.48 19.56
C SER C 152 9.48 10.29 20.95
N LYS C 153 8.69 10.54 21.99
CA LYS C 153 9.12 10.29 23.38
C LYS C 153 9.53 8.83 23.52
N LYS C 154 8.73 7.90 23.03
CA LYS C 154 9.06 6.46 23.15
C LYS C 154 10.40 6.18 22.46
N GLY C 155 10.64 6.75 21.28
CA GLY C 155 11.95 6.71 20.62
C GLY C 155 13.07 7.15 21.55
N LEU C 156 12.93 8.33 22.17
CA LEU C 156 13.94 8.87 23.11
C LEU C 156 14.04 7.95 24.33
N ASP C 157 12.95 7.30 24.73
CA ASP C 157 12.87 6.43 25.93
C ASP C 157 13.58 5.11 25.62
N ASN C 158 13.93 4.87 24.35
CA ASN C 158 14.53 3.58 23.92
C ASN C 158 15.80 3.86 23.12
N LEU C 159 16.33 5.09 23.22
CA LEU C 159 17.48 5.57 22.40
C LEU C 159 18.70 4.68 22.65
N ASP C 160 19.08 4.46 23.91
CA ASP C 160 20.29 3.67 24.25
C ASP C 160 20.15 2.25 23.69
N GLU C 161 18.95 1.69 23.78
CA GLU C 161 18.61 0.33 23.28
C GLU C 161 18.71 0.33 21.75
N ILE C 162 18.13 1.31 21.05
CA ILE C 162 18.23 1.38 19.57
C ILE C 162 19.71 1.52 19.15
N LEU C 163 20.50 2.33 19.86
CA LEU C 163 21.93 2.59 19.54
C LEU C 163 22.79 1.33 19.73
N ASN C 164 22.25 0.31 20.39
CA ASN C 164 23.00 -0.95 20.63
C ASN C 164 22.67 -1.96 19.52
N VAL C 165 21.82 -1.62 18.56
CA VAL C 165 21.39 -2.59 17.52
C VAL C 165 22.44 -2.60 16.41
N ASP C 166 23.07 -3.76 16.20
CA ASP C 166 23.98 -4.00 15.04
C ASP C 166 23.13 -3.98 13.77
N GLY C 167 23.58 -3.20 12.80
CA GLY C 167 22.93 -3.11 11.48
C GLY C 167 22.15 -1.82 11.35
N VAL C 168 21.99 -1.07 12.44
CA VAL C 168 21.48 0.33 12.34
C VAL C 168 22.72 1.18 12.05
N ASP C 169 22.78 1.77 10.85
CA ASP C 169 23.97 2.53 10.39
C ASP C 169 23.85 3.98 10.86
N GLY C 170 22.64 4.47 11.06
CA GLY C 170 22.45 5.89 11.42
C GLY C 170 21.15 6.10 12.14
N ILE C 171 21.13 7.05 13.06
CA ILE C 171 19.86 7.54 13.66
C ILE C 171 19.66 8.98 13.19
N PHE C 172 18.49 9.22 12.64
CA PHE C 172 18.08 10.53 12.07
C PHE C 172 17.01 11.12 12.97
N ILE C 173 17.19 12.37 13.40
CA ILE C 173 16.25 13.09 14.30
C ILE C 173 15.27 13.85 13.42
N GLY C 174 13.97 13.67 13.63
CA GLY C 174 12.91 14.38 12.90
C GLY C 174 12.38 15.52 13.75
N PRO C 175 12.85 16.77 13.60
CA PRO C 175 12.43 17.87 14.49
C PRO C 175 10.92 18.18 14.44
N ALA C 176 10.26 18.03 13.30
CA ALA C 176 8.81 18.27 13.21
C ALA C 176 8.07 17.28 14.11
N ASP C 177 8.29 15.97 13.95
CA ASP C 177 7.54 14.96 14.73
C ASP C 177 7.98 15.08 16.19
N LEU C 178 9.26 15.35 16.46
CA LEU C 178 9.77 15.32 17.85
C LEU C 178 9.21 16.55 18.62
N SER C 179 9.25 17.74 18.02
CA SER C 179 8.74 18.99 18.64
C SER C 179 7.24 18.83 18.92
N ALA C 180 6.48 18.23 17.99
CA ALA C 180 5.06 17.91 18.20
C ALA C 180 4.92 16.95 19.38
N ALA C 181 5.69 15.86 19.40
CA ALA C 181 5.59 14.83 20.47
C ALA C 181 5.84 15.50 21.83
N LEU C 182 6.76 16.48 21.88
CA LEU C 182 7.15 17.16 23.14
C LEU C 182 6.16 18.28 23.51
N GLY C 183 5.08 18.46 22.77
CA GLY C 183 4.07 19.50 23.04
C GLY C 183 4.53 20.87 22.58
N TYR C 184 5.47 20.94 21.63
CA TYR C 184 5.94 22.19 20.98
C TYR C 184 5.75 22.07 19.47
N ARG C 185 4.55 21.62 19.07
CA ARG C 185 4.19 21.43 17.64
C ARG C 185 4.39 22.74 16.88
N GLY C 186 5.20 22.71 15.83
CA GLY C 186 5.47 23.87 14.94
C GLY C 186 6.57 24.75 15.47
N ASN C 187 7.09 24.49 16.68
CA ASN C 187 8.12 25.33 17.34
C ASN C 187 9.35 24.49 17.73
N PRO C 188 10.01 23.79 16.77
CA PRO C 188 11.21 23.02 17.08
C PRO C 188 12.41 23.86 17.54
N GLY C 189 12.43 25.15 17.18
CA GLY C 189 13.46 26.13 17.56
C GLY C 189 13.51 26.41 19.06
N HIS C 190 12.47 26.05 19.84
CA HIS C 190 12.46 26.23 21.31
C HIS C 190 13.62 25.49 21.97
N GLU C 191 14.26 26.14 22.94
CA GLU C 191 15.43 25.66 23.72
C GLU C 191 15.14 24.28 24.31
N PHE C 192 13.95 24.05 24.86
CA PHE C 192 13.56 22.74 25.43
C PHE C 192 13.81 21.63 24.37
N VAL C 193 13.32 21.85 23.16
CA VAL C 193 13.45 20.89 22.02
C VAL C 193 14.91 20.84 21.57
N GLN C 194 15.56 21.99 21.40
CA GLN C 194 16.95 22.03 20.87
C GLN C 194 17.93 21.33 21.83
N ASN C 195 17.78 21.49 23.14
CA ASN C 195 18.73 20.85 24.09
C ASN C 195 18.61 19.33 23.97
N ILE C 196 17.39 18.81 23.83
CA ILE C 196 17.15 17.34 23.64
C ILE C 196 17.78 16.89 22.31
N ILE C 197 17.64 17.68 21.24
CA ILE C 197 18.20 17.33 19.90
C ILE C 197 19.72 17.23 20.01
N VAL C 198 20.38 18.22 20.64
CA VAL C 198 21.87 18.28 20.78
C VAL C 198 22.34 17.06 21.58
N GLN C 199 21.75 16.84 22.76
CA GLN C 199 22.06 15.68 23.64
C GLN C 199 21.90 14.40 22.82
N THR C 200 20.79 14.27 22.07
CA THR C 200 20.48 13.08 21.24
C THR C 200 21.58 12.89 20.20
N ILE C 201 21.94 13.94 19.45
CA ILE C 201 23.05 13.88 18.46
C ILE C 201 24.30 13.36 19.19
N GLN C 202 24.61 13.93 20.36
CA GLN C 202 25.87 13.58 21.08
C GLN C 202 25.87 12.10 21.43
N LYS C 203 24.73 11.57 21.89
CA LYS C 203 24.59 10.17 22.35
C LYS C 203 24.75 9.24 21.15
N ILE C 204 24.15 9.60 20.00
CA ILE C 204 24.21 8.79 18.77
C ILE C 204 25.70 8.62 18.40
N ARG C 205 26.42 9.71 18.30
CA ARG C 205 27.84 9.70 17.85
C ARG C 205 28.71 8.96 18.88
N ALA C 206 28.41 9.05 20.18
CA ALA C 206 29.21 8.39 21.24
C ALA C 206 29.03 6.87 21.16
N ALA C 207 27.92 6.38 20.63
CA ALA C 207 27.66 4.92 20.44
C ALA C 207 28.24 4.44 19.10
N GLY C 208 28.94 5.30 18.37
CA GLY C 208 29.62 4.93 17.10
C GLY C 208 28.66 4.84 15.93
N LYS C 209 27.45 5.43 16.02
CA LYS C 209 26.50 5.48 14.87
C LYS C 209 26.56 6.85 14.21
N ALA C 210 26.17 6.93 12.94
CA ALA C 210 25.96 8.20 12.22
C ALA C 210 24.69 8.90 12.75
N ALA C 211 24.79 10.20 13.01
CA ALA C 211 23.64 11.06 13.39
C ALA C 211 23.21 11.82 12.14
N GLY C 212 21.91 12.02 12.00
CA GLY C 212 21.33 12.80 10.89
C GLY C 212 20.20 13.68 11.35
N ILE C 213 19.83 14.64 10.54
CA ILE C 213 18.77 15.62 10.87
C ILE C 213 18.43 16.41 9.60
N LEU C 214 17.25 17.01 9.63
CA LEU C 214 16.76 17.97 8.62
C LEU C 214 16.52 19.31 9.34
N SER C 215 17.09 20.39 8.83
CA SER C 215 16.65 21.77 9.16
C SER C 215 16.79 22.66 7.93
N ALA C 216 15.71 23.33 7.58
CA ALA C 216 15.67 24.44 6.61
C ALA C 216 16.23 25.72 7.27
N ASP C 217 16.51 25.71 8.59
CA ASP C 217 17.14 26.87 9.27
C ASP C 217 18.66 26.78 9.06
N GLU C 218 19.24 27.71 8.32
CA GLU C 218 20.70 27.69 7.99
C GLU C 218 21.51 27.70 9.30
N LYS C 219 21.15 28.54 10.27
CA LYS C 219 21.92 28.61 11.53
C LYS C 219 21.86 27.24 12.23
N LEU C 220 20.67 26.65 12.37
CA LEU C 220 20.51 25.35 13.08
C LEU C 220 21.33 24.30 12.31
N ALA C 221 21.23 24.29 10.98
CA ALA C 221 21.92 23.28 10.14
C ALA C 221 23.44 23.43 10.33
N LYS C 222 23.95 24.66 10.32
CA LYS C 222 25.41 24.88 10.54
C LYS C 222 25.79 24.45 11.97
N GLN C 223 24.93 24.65 12.96
CA GLN C 223 25.22 24.24 14.36
C GLN C 223 25.32 22.72 14.38
N TYR C 224 24.39 22.01 13.73
CA TYR C 224 24.39 20.51 13.72
C TYR C 224 25.68 20.02 13.06
N LEU C 225 26.09 20.65 11.96
CA LEU C 225 27.34 20.27 11.23
C LEU C 225 28.54 20.53 12.14
N GLU C 226 28.56 21.61 12.92
CA GLU C 226 29.68 21.88 13.87
C GLU C 226 29.75 20.81 14.96
N LEU C 227 28.61 20.22 15.35
CA LEU C 227 28.56 19.10 16.32
C LEU C 227 29.07 17.80 15.71
N GLY C 228 29.29 17.74 14.39
CA GLY C 228 29.84 16.57 13.68
C GLY C 228 28.76 15.68 13.09
N THR C 229 27.51 16.14 13.12
CA THR C 229 26.35 15.38 12.57
C THR C 229 26.70 14.90 11.15
N GLU C 230 26.62 13.59 10.91
CA GLU C 230 27.16 12.93 9.69
C GLU C 230 26.27 13.19 8.46
N PHE C 231 24.94 13.22 8.58
CA PHE C 231 24.06 13.45 7.40
C PHE C 231 23.00 14.49 7.74
N VAL C 232 23.10 15.64 7.09
CA VAL C 232 22.31 16.87 7.36
C VAL C 232 21.61 17.27 6.07
N ALA C 233 20.28 17.18 6.06
CA ALA C 233 19.43 17.74 4.99
C ALA C 233 19.20 19.21 5.34
N VAL C 234 19.31 20.10 4.34
CA VAL C 234 19.38 21.57 4.56
C VAL C 234 18.18 22.27 3.91
N GLY C 235 17.31 21.52 3.23
CA GLY C 235 16.08 22.09 2.64
C GLY C 235 15.22 21.02 1.98
N VAL C 236 14.11 21.48 1.40
CA VAL C 236 13.00 20.67 0.84
C VAL C 236 12.62 21.32 -0.49
N ASP C 237 12.54 20.53 -1.57
CA ASP C 237 12.25 21.04 -2.93
C ASP C 237 10.90 21.78 -2.92
N THR C 238 9.83 21.20 -2.36
CA THR C 238 8.50 21.87 -2.31
C THR C 238 8.63 23.25 -1.67
N SER C 239 9.29 23.36 -0.52
CA SER C 239 9.51 24.62 0.24
C SER C 239 10.32 25.61 -0.60
N LEU C 240 11.42 25.18 -1.22
CA LEU C 240 12.27 26.07 -2.02
C LEU C 240 11.49 26.57 -3.25
N LEU C 241 10.73 25.69 -3.93
CA LEU C 241 9.89 26.11 -5.09
C LEU C 241 8.89 27.18 -4.64
N MET C 242 8.13 26.92 -3.56
CA MET C 242 7.09 27.87 -3.07
C MET C 242 7.75 29.20 -2.70
N LYS C 243 8.79 29.16 -1.86
CA LYS C 243 9.44 30.39 -1.32
C LYS C 243 10.05 31.19 -2.48
N SER C 244 10.76 30.55 -3.42
CA SER C 244 11.41 31.24 -4.56
C SER C 244 10.33 31.93 -5.39
N MET C 245 9.18 31.29 -5.62
CA MET C 245 8.11 31.91 -6.44
C MET C 245 7.43 33.04 -5.67
N LYS C 246 7.26 32.92 -4.35
CA LYS C 246 6.63 33.99 -3.52
C LYS C 246 7.56 35.19 -3.45
N GLN C 247 8.85 34.96 -3.21
CA GLN C 247 9.90 36.00 -3.08
C GLN C 247 9.97 36.81 -4.39
N LEU C 248 9.88 36.13 -5.53
CA LEU C 248 9.91 36.79 -6.85
C LEU C 248 8.65 37.66 -7.01
N LEU C 249 7.47 37.13 -6.69
CA LEU C 249 6.20 37.88 -6.90
C LEU C 249 6.21 39.17 -6.06
N SER C 250 6.72 39.10 -4.83
CA SER C 250 6.75 40.22 -3.85
C SER C 250 7.58 41.39 -4.40
N LYS C 251 8.46 41.17 -5.38
CA LYS C 251 9.26 42.25 -6.02
C LYS C 251 8.37 43.09 -6.94
N PHE C 252 7.20 42.57 -7.33
CA PHE C 252 6.30 43.20 -8.33
C PHE C 252 4.87 43.40 -7.79
N LYS C 253 4.58 42.81 -6.62
CA LYS C 253 3.22 42.47 -6.07
C LYS C 253 2.17 42.47 -7.19
#